data_8CHS
#
_entry.id   8CHS
#
_cell.length_a   1.00
_cell.length_b   1.00
_cell.length_c   1.00
_cell.angle_alpha   90.00
_cell.angle_beta   90.00
_cell.angle_gamma   90.00
#
_symmetry.space_group_name_H-M   'P 1'
#
loop_
_entity.id
_entity.type
_entity.pdbx_description
1 polymer 'Nanobody nAb13 - all CA rigid fit model derived from nanobody nAb7'
2 polymer 'Bifunctional heparan sulfate N-deacetylase/N-sulfotransferase 1'
3 non-polymer "ADENOSINE-3'-5'-DIPHOSPHATE"
4 non-polymer 'CALCIUM ION'
5 water water
#
loop_
_entity_poly.entity_id
_entity_poly.type
_entity_poly.pdbx_seq_one_letter_code
_entity_poly.pdbx_strand_id
1 'polypeptide(L)'
;QVQLVESGGGSVQAGGSLRLSCAASGFNVDDYAIGWFRQSPGKEREGVSCIGGDGTTYYENSVKGRFTVSSDKRDNTVYL
QMNNLRPEDTAIYFCAADRSKYCVGKYFSTPSQYDFWGRGTHVTVSSEPKTPKPQPAAGPGGQHHHHHHGAEQKLISEED
LS
;
D
2 'polypeptide(L)'
;GSRTDPLVLVFVESLYSQLGQEVVAILESSRFKYRTEIAPGKGDMPTLTDKGRGRFALIIYENILKYVNLDAWNRELLDK
YCVAYGVGIIGFFKANENSLLSAQLKGFPLFLHSNLGLKDCSINPKSPLLYVTRPSEVEKGVLPGEDWTVFQSNHSTYEP
VLLAKTRSSESIPHLGADAGLHAALHATVVQDLGLHDGIQRVLFGNNLNFWLHKLVFVDAVAFLTGKRLSLPLDRYILVD
IDDIFVGKEGTRMKVEDVKALFDTQNELRAHIPNFTFNLGYSGKFFHTGTNAEDAGDDLLLSYVKEFWWFPHMWSHMQPH
LFHNQSVLAEQMALNKKFAVEHGIPTDMGYAVAPHHSGVYPVHVQLYEAWKQVWSIRVTSTEEYPHLKPARYRRGFIHNG
IMVLPRQTCGLFTHTIFYNEYPGGSSELDKIINGGELFLTVLLNPISIFMTHLSNYGNDRLGLYTFKHLVRFLHSWTNLR
LQTLPPVQLAQKYFQIFSEEKDPLWQDPCEDKRHKDIWSKEKTCDRFPKLLIIGPQKTGTTALYLFLGMHPDLSSNYPSS
ETFEEIQFFNGHNYHKGIDWYMEFFPIPSNTTSDFYFEKSANYFDSEVAPRRAAALLPKAKVLTILINPADRAYSWYQHQ
RAHDDPVALKYTFHEVITAGSDASSKLRALQNRCLVPGWYATHIERWLSAYHANQILVLDGKLLRTEPAKVMDMVQKFLG
VTNTIDYHKTLAFDPKKGFWCQLLEGGKTKCLGKSKGRKYPEMDLDSRAFLKDYYRDHNIELSKLLYKMGQTLPTWLRED
LQNTR
;
A
#
# COMPACT_ATOMS: atom_id res chain seq x y z
N GLN A 1 -0.54 -41.52 -13.65
CA GLN A 1 0.62 -41.30 -14.49
C GLN A 1 0.22 -40.93 -15.92
N VAL A 2 0.71 -39.77 -16.36
CA VAL A 2 0.44 -39.32 -17.72
C VAL A 2 1.51 -39.90 -18.63
N GLN A 3 1.08 -40.66 -19.64
CA GLN A 3 1.97 -41.23 -20.64
C GLN A 3 1.38 -41.00 -22.02
N LEU A 4 2.24 -40.73 -22.99
CA LEU A 4 1.83 -40.53 -24.37
C LEU A 4 2.65 -41.44 -25.27
N VAL A 5 1.98 -42.36 -25.95
CA VAL A 5 2.62 -43.33 -26.83
C VAL A 5 2.16 -43.05 -28.26
N GLU A 6 3.11 -42.94 -29.17
CA GLU A 6 2.82 -42.67 -30.58
C GLU A 6 3.35 -43.78 -31.46
N SER A 7 2.83 -43.82 -32.68
CA SER A 7 3.17 -44.86 -33.66
C SER A 7 3.00 -44.28 -35.06
N GLY A 8 3.21 -45.13 -36.06
CA GLY A 8 3.01 -44.75 -37.45
C GLY A 8 4.28 -44.19 -38.08
N GLY A 9 4.57 -44.65 -39.29
CA GLY A 9 5.71 -44.13 -40.02
C GLY A 9 5.75 -44.69 -41.43
N GLY A 10 6.60 -44.10 -42.26
CA GLY A 10 6.89 -44.45 -43.64
C GLY A 10 5.76 -44.15 -44.63
N SER A 11 6.18 -43.89 -45.87
CA SER A 11 5.28 -43.38 -46.90
C SER A 11 5.89 -43.51 -48.29
N VAL A 12 5.09 -43.25 -49.32
CA VAL A 12 5.58 -43.16 -50.69
C VAL A 12 6.40 -41.89 -50.82
N GLN A 13 7.65 -42.03 -51.31
CA GLN A 13 8.61 -40.93 -51.30
C GLN A 13 8.31 -39.83 -52.31
N ALA A 14 7.44 -40.09 -53.30
CA ALA A 14 6.89 -39.03 -54.13
C ALA A 14 5.66 -38.39 -53.51
N GLY A 15 5.03 -39.06 -52.56
CA GLY A 15 3.86 -38.52 -51.90
C GLY A 15 2.79 -39.54 -51.60
N GLY A 16 2.43 -39.64 -50.32
CA GLY A 16 1.45 -40.61 -49.86
C GLY A 16 0.75 -40.15 -48.60
N SER A 17 0.22 -41.08 -47.82
CA SER A 17 -0.59 -40.74 -46.65
C SER A 17 -0.17 -41.59 -45.46
N LEU A 18 -0.67 -41.23 -44.29
CA LEU A 18 -0.44 -41.90 -43.02
C LEU A 18 -1.52 -41.48 -42.04
N ARG A 19 -1.69 -42.30 -41.00
CA ARG A 19 -2.51 -41.95 -39.86
C ARG A 19 -1.67 -42.27 -38.61
N LEU A 20 -0.98 -41.26 -38.11
CA LEU A 20 -0.20 -41.40 -36.88
C LEU A 20 -1.14 -41.45 -35.70
N SER A 21 -0.99 -42.46 -34.86
CA SER A 21 -1.86 -42.65 -33.71
C SER A 21 -1.11 -42.34 -32.43
N CYS A 22 -1.60 -41.36 -31.68
CA CYS A 22 -1.03 -41.01 -30.38
C CYS A 22 -2.01 -41.42 -29.30
N ALA A 23 -1.65 -42.45 -28.53
CA ALA A 23 -2.52 -43.01 -27.51
C ALA A 23 -2.21 -42.36 -26.17
N ALA A 24 -3.26 -41.96 -25.45
CA ALA A 24 -3.12 -41.27 -24.17
C ALA A 24 -3.46 -42.25 -23.05
N SER A 25 -2.43 -42.94 -22.57
CA SER A 25 -2.59 -43.87 -21.46
C SER A 25 -2.49 -43.13 -20.14
N GLY A 26 -3.42 -43.41 -19.23
CA GLY A 26 -3.39 -42.86 -17.90
C GLY A 26 -4.13 -41.56 -17.71
N PHE A 27 -4.63 -40.95 -18.78
CA PHE A 27 -5.36 -39.70 -18.71
C PHE A 27 -6.26 -39.61 -19.94
N ASN A 28 -7.07 -38.55 -19.99
CA ASN A 28 -8.07 -38.39 -21.03
C ASN A 28 -7.50 -37.49 -22.14
N VAL A 29 -7.70 -37.91 -23.38
CA VAL A 29 -7.15 -37.17 -24.51
C VAL A 29 -8.03 -36.00 -24.92
N ASP A 30 -9.26 -35.93 -24.42
CA ASP A 30 -10.17 -34.83 -24.73
C ASP A 30 -10.03 -33.68 -23.75
N ASP A 31 -9.13 -33.78 -22.78
CA ASP A 31 -8.91 -32.72 -21.80
C ASP A 31 -7.64 -31.94 -22.06
N TYR A 32 -6.80 -32.36 -23.00
CA TYR A 32 -5.51 -31.74 -23.21
C TYR A 32 -5.39 -31.35 -24.68
N ALA A 33 -4.26 -30.71 -25.03
CA ALA A 33 -4.19 -30.03 -26.33
C ALA A 33 -3.76 -30.97 -27.45
N ILE A 34 -2.84 -31.91 -27.16
CA ILE A 34 -2.31 -32.98 -28.02
C ILE A 34 -1.81 -32.44 -29.36
N GLY A 35 -1.10 -31.31 -29.31
CA GLY A 35 -0.61 -30.72 -30.54
C GLY A 35 0.61 -31.48 -31.05
N TRP A 36 0.66 -31.65 -32.37
CA TRP A 36 1.76 -32.39 -32.98
C TRP A 36 2.94 -31.49 -33.28
N PHE A 37 4.14 -31.97 -32.96
CA PHE A 37 5.37 -31.22 -33.14
C PHE A 37 6.35 -32.05 -33.95
N ARG A 38 6.82 -31.50 -35.06
CA ARG A 38 7.83 -32.14 -35.88
C ARG A 38 9.16 -31.44 -35.65
N GLN A 39 10.26 -32.20 -35.73
CA GLN A 39 11.57 -31.63 -35.53
C GLN A 39 11.96 -30.89 -36.80
N GLU A 44 14.68 -27.33 -34.77
CA GLU A 44 14.03 -27.64 -33.50
C GLU A 44 12.56 -28.00 -33.71
N ARG A 45 11.83 -28.17 -32.61
CA ARG A 45 10.46 -28.66 -32.67
C ARG A 45 9.50 -27.57 -33.18
N GLU A 46 8.71 -27.94 -34.18
CA GLU A 46 7.78 -27.03 -34.84
C GLU A 46 6.37 -27.59 -34.77
N GLY A 47 5.46 -26.81 -34.20
CA GLY A 47 4.09 -27.24 -33.94
C GLY A 47 3.11 -27.14 -35.09
N VAL A 48 3.13 -28.12 -35.99
CA VAL A 48 2.38 -28.02 -37.25
C VAL A 48 0.88 -28.19 -37.04
N SER A 49 0.45 -28.81 -35.94
CA SER A 49 -0.98 -29.01 -35.74
C SER A 49 -1.32 -28.92 -34.26
N CYS A 50 -2.61 -28.76 -33.98
CA CYS A 50 -3.16 -28.80 -32.64
C CYS A 50 -4.64 -29.15 -32.74
N ILE A 51 -5.16 -29.85 -31.74
CA ILE A 51 -6.55 -30.35 -31.77
C ILE A 51 -7.16 -30.14 -30.38
N GLY A 52 -8.02 -29.12 -30.26
CA GLY A 52 -8.49 -28.70 -28.95
C GLY A 52 -9.51 -29.65 -28.36
N GLY A 53 -9.82 -29.41 -27.08
CA GLY A 53 -10.66 -30.33 -26.33
C GLY A 53 -12.12 -30.29 -26.75
N ASP A 54 -12.56 -29.20 -27.35
CA ASP A 54 -13.86 -29.14 -28.01
C ASP A 54 -13.79 -29.55 -29.47
N GLY A 55 -12.59 -29.83 -29.99
CA GLY A 55 -12.43 -30.27 -31.35
C GLY A 55 -11.99 -29.20 -32.33
N THR A 56 -11.57 -28.03 -31.83
CA THR A 56 -11.05 -27.00 -32.71
C THR A 56 -9.70 -27.38 -33.27
N THR A 57 -9.37 -26.85 -34.44
CA THR A 57 -8.27 -27.37 -35.24
C THR A 57 -7.44 -26.21 -35.79
N TYR A 58 -6.12 -26.28 -35.60
CA TYR A 58 -5.21 -25.25 -36.07
C TYR A 58 -4.08 -25.90 -36.85
N TYR A 59 -3.67 -25.27 -37.95
CA TYR A 59 -2.58 -25.75 -38.79
C TYR A 59 -1.60 -24.61 -39.08
N GLU A 60 -0.36 -24.98 -39.36
CA GLU A 60 0.54 -24.06 -40.04
C GLU A 60 0.27 -24.03 -41.55
N ASN A 61 0.92 -23.08 -42.21
CA ASN A 61 0.59 -22.80 -43.61
C ASN A 61 1.18 -23.84 -44.55
N SER A 62 2.21 -24.56 -44.11
CA SER A 62 2.78 -25.62 -44.93
C SER A 62 1.84 -26.82 -45.00
N VAL A 63 1.08 -27.05 -43.94
CA VAL A 63 0.30 -28.27 -43.78
C VAL A 63 -1.20 -28.04 -43.91
N LYS A 64 -1.63 -26.80 -44.21
CA LYS A 64 -3.02 -26.37 -44.00
C LYS A 64 -3.98 -27.00 -45.02
N GLY A 65 -3.52 -27.20 -46.24
CA GLY A 65 -4.30 -27.92 -47.22
C GLY A 65 -4.06 -29.42 -47.26
N ARG A 66 -3.19 -29.93 -46.39
CA ARG A 66 -2.76 -31.32 -46.48
C ARG A 66 -3.14 -32.16 -45.27
N PHE A 67 -2.73 -31.76 -44.07
CA PHE A 67 -2.88 -32.61 -42.89
C PHE A 67 -4.29 -32.51 -42.36
N THR A 68 -4.74 -33.57 -41.69
CA THR A 68 -6.05 -33.58 -41.03
C THR A 68 -5.85 -34.25 -39.68
N VAL A 69 -5.71 -33.46 -38.63
CA VAL A 69 -5.65 -34.03 -37.29
C VAL A 69 -7.07 -34.31 -36.82
N SER A 70 -7.21 -35.34 -35.99
CA SER A 70 -8.51 -35.78 -35.52
C SER A 70 -8.34 -36.40 -34.14
N SER A 71 -9.47 -36.70 -33.51
CA SER A 71 -9.46 -37.25 -32.17
C SER A 71 -10.54 -38.32 -32.08
N ASP A 72 -10.31 -39.31 -31.23
CA ASP A 72 -11.32 -40.30 -30.93
C ASP A 72 -11.36 -40.52 -29.43
N LYS A 73 -12.53 -40.31 -28.82
CA LYS A 73 -12.67 -40.45 -27.38
C LYS A 73 -12.72 -41.91 -26.96
N ARG A 74 -13.13 -42.79 -27.88
CA ARG A 74 -13.45 -44.18 -27.55
C ARG A 74 -12.20 -45.01 -27.26
N ASP A 75 -11.18 -44.89 -28.10
CA ASP A 75 -9.89 -45.50 -27.76
C ASP A 75 -8.93 -44.54 -27.10
N ASN A 76 -9.38 -43.30 -26.83
CA ASN A 76 -8.63 -42.21 -26.17
C ASN A 76 -7.35 -41.88 -26.93
N THR A 77 -7.48 -41.80 -28.25
CA THR A 77 -6.35 -41.69 -29.17
C THR A 77 -6.59 -40.54 -30.14
N VAL A 78 -5.62 -39.64 -30.25
CA VAL A 78 -5.65 -38.58 -31.25
C VAL A 78 -4.92 -39.07 -32.50
N TYR A 79 -5.57 -38.92 -33.65
CA TYR A 79 -5.04 -39.36 -34.93
C TYR A 79 -4.59 -38.18 -35.76
N LEU A 80 -3.59 -38.39 -36.59
CA LEU A 80 -3.12 -37.38 -37.54
C LEU A 80 -3.21 -37.98 -38.94
N GLN A 81 -4.35 -37.77 -39.60
CA GLN A 81 -4.56 -38.27 -40.96
C GLN A 81 -3.81 -37.35 -41.92
N MET A 82 -2.59 -37.75 -42.24
CA MET A 82 -1.74 -36.99 -43.12
C MET A 82 -2.08 -37.30 -44.57
N ASN A 83 -1.80 -36.35 -45.46
CA ASN A 83 -2.13 -36.48 -46.88
C ASN A 83 -1.16 -35.64 -47.68
N ASN A 84 -0.89 -36.12 -48.90
CA ASN A 84 -0.11 -35.45 -49.96
C ASN A 84 1.31 -35.07 -49.48
N LEU A 85 2.08 -36.10 -49.16
CA LEU A 85 3.26 -35.90 -48.32
C LEU A 85 4.45 -35.38 -49.12
N ARG A 86 4.88 -34.18 -48.81
CA ARG A 86 6.07 -33.58 -49.41
C ARG A 86 7.31 -34.25 -48.82
N PRO A 87 8.46 -34.19 -49.50
CA PRO A 87 9.72 -34.65 -48.89
C PRO A 87 10.22 -33.82 -47.71
N GLU A 88 9.67 -32.63 -47.48
CA GLU A 88 10.06 -31.81 -46.33
C GLU A 88 9.40 -32.28 -45.04
N ASP A 89 8.42 -33.19 -45.13
CA ASP A 89 7.66 -33.57 -43.95
C ASP A 89 8.38 -34.56 -43.05
N THR A 90 9.50 -35.12 -43.51
CA THR A 90 10.20 -36.15 -42.76
C THR A 90 10.89 -35.60 -41.50
N ALA A 91 10.57 -36.23 -40.37
CA ALA A 91 10.86 -35.69 -39.04
C ALA A 91 10.68 -36.73 -37.95
N ILE A 92 10.71 -36.28 -36.70
CA ILE A 92 10.16 -37.01 -35.57
C ILE A 92 8.90 -36.27 -35.13
N TYR A 93 7.75 -36.92 -35.19
CA TYR A 93 6.50 -36.27 -34.85
C TYR A 93 6.14 -36.54 -33.40
N PHE A 94 6.11 -35.47 -32.61
CA PHE A 94 5.88 -35.53 -31.18
C PHE A 94 4.46 -35.07 -30.87
N CYS A 95 3.65 -35.94 -30.29
CA CYS A 95 2.38 -35.53 -29.73
C CYS A 95 2.62 -35.08 -28.29
N ALA A 96 2.25 -33.85 -27.98
CA ALA A 96 2.58 -33.25 -26.70
C ALA A 96 1.33 -32.72 -26.03
N ALA A 97 1.20 -33.02 -24.74
CA ALA A 97 0.02 -32.63 -23.98
C ALA A 97 0.23 -31.27 -23.33
N TRP A 117 5.31 -34.74 -22.95
CA TRP A 117 5.61 -35.06 -24.34
C TRP A 117 5.50 -36.55 -24.57
N GLY A 118 5.90 -37.02 -25.75
CA GLY A 118 5.87 -38.43 -26.05
C GLY A 118 7.26 -38.93 -26.40
N ARG A 119 7.32 -40.19 -26.79
CA ARG A 119 8.58 -40.79 -27.21
C ARG A 119 9.01 -40.27 -28.58
N GLY A 120 8.07 -40.19 -29.52
CA GLY A 120 8.32 -39.71 -30.87
C GLY A 120 8.46 -40.86 -31.85
N THR A 121 7.93 -40.66 -33.06
CA THR A 121 8.05 -41.65 -34.13
C THR A 121 8.43 -40.96 -35.44
N HIS A 122 9.08 -41.72 -36.30
CA HIS A 122 9.77 -41.17 -37.45
C HIS A 122 8.96 -41.46 -38.71
N VAL A 123 8.83 -40.42 -39.54
CA VAL A 123 8.23 -40.51 -40.87
C VAL A 123 9.34 -40.36 -41.90
N THR A 124 9.36 -41.24 -42.89
CA THR A 124 10.34 -41.20 -43.97
C THR A 124 9.64 -40.98 -45.30
N VAL A 125 9.82 -39.79 -45.87
CA VAL A 125 9.17 -39.43 -47.12
C VAL A 125 10.00 -38.39 -47.88
N ASP B 5 -5.40 23.12 -5.33
CA ASP B 5 -5.13 21.79 -4.79
C ASP B 5 -5.92 20.72 -5.55
N PRO B 6 -5.28 19.55 -5.85
CA PRO B 6 -5.96 18.47 -6.57
C PRO B 6 -6.72 17.50 -5.66
N LEU B 7 -7.53 18.06 -4.76
CA LEU B 7 -8.34 17.29 -3.82
C LEU B 7 -9.58 16.78 -4.51
N VAL B 8 -9.72 15.46 -4.56
CA VAL B 8 -10.88 14.86 -5.20
C VAL B 8 -12.05 14.85 -4.23
N LEU B 9 -13.10 15.58 -4.57
CA LEU B 9 -14.30 15.66 -3.74
C LEU B 9 -15.22 14.52 -4.16
N VAL B 10 -15.44 13.57 -3.25
CA VAL B 10 -16.27 12.41 -3.53
C VAL B 10 -17.57 12.50 -2.70
N PHE B 11 -18.70 12.39 -3.41
CA PHE B 11 -20.03 12.41 -2.78
C PHE B 11 -20.52 10.98 -2.69
N VAL B 12 -20.21 10.34 -1.58
CA VAL B 12 -20.63 8.96 -1.37
C VAL B 12 -21.96 8.95 -0.61
N GLU B 13 -22.76 7.90 -0.84
CA GLU B 13 -24.05 7.79 -0.16
C GLU B 13 -23.87 7.37 1.30
N SER B 14 -22.95 6.44 1.55
CA SER B 14 -22.66 5.96 2.89
C SER B 14 -21.21 5.48 2.90
N LEU B 15 -20.66 5.30 4.10
CA LEU B 15 -19.28 4.85 4.23
C LEU B 15 -19.14 3.37 3.86
N TYR B 16 -20.21 2.61 3.90
CA TYR B 16 -20.18 1.19 3.56
C TYR B 16 -20.70 0.90 2.16
N SER B 17 -20.69 1.89 1.25
CA SER B 17 -21.16 1.68 -0.11
C SER B 17 -20.11 0.89 -0.88
N GLN B 18 -20.56 -0.04 -1.72
CA GLN B 18 -19.62 -0.87 -2.49
C GLN B 18 -18.97 -0.10 -3.64
N LEU B 19 -19.76 0.72 -4.36
CA LEU B 19 -19.24 1.53 -5.46
C LEU B 19 -18.33 2.63 -4.94
N GLY B 20 -18.67 3.17 -3.76
CA GLY B 20 -17.83 4.17 -3.14
C GLY B 20 -16.51 3.61 -2.69
N GLN B 21 -16.52 2.36 -2.18
CA GLN B 21 -15.30 1.68 -1.76
C GLN B 21 -14.40 1.40 -2.96
N GLU B 22 -15.02 1.07 -4.10
CA GLU B 22 -14.26 0.83 -5.33
C GLU B 22 -13.64 2.12 -5.88
N VAL B 23 -14.39 3.24 -5.83
CA VAL B 23 -13.89 4.53 -6.34
C VAL B 23 -12.75 5.05 -5.47
N VAL B 24 -12.92 5.05 -4.13
CA VAL B 24 -11.84 5.48 -3.23
C VAL B 24 -10.68 4.50 -3.24
N ALA B 25 -10.95 3.20 -3.53
CA ALA B 25 -9.89 2.19 -3.63
C ALA B 25 -9.01 2.46 -4.84
N ILE B 26 -9.63 2.90 -5.95
CA ILE B 26 -8.87 3.29 -7.14
C ILE B 26 -8.10 4.57 -6.87
N LEU B 27 -8.73 5.48 -6.10
CA LEU B 27 -8.11 6.76 -5.76
C LEU B 27 -6.89 6.61 -4.83
N GLU B 28 -6.93 5.71 -3.84
CA GLU B 28 -5.73 5.61 -3.00
C GLU B 28 -4.70 4.70 -3.64
N SER B 29 -5.12 3.79 -4.54
CA SER B 29 -4.14 2.94 -5.20
C SER B 29 -3.35 3.72 -6.25
N SER B 30 -3.96 4.77 -6.79
CA SER B 30 -3.33 5.66 -7.74
C SER B 30 -2.89 6.97 -7.07
N ARG B 31 -3.02 7.02 -5.74
CA ARG B 31 -2.67 8.14 -4.86
C ARG B 31 -3.36 9.46 -5.20
N PHE B 32 -4.65 9.39 -5.51
CA PHE B 32 -5.42 10.60 -5.78
C PHE B 32 -5.85 11.11 -4.41
N LYS B 33 -5.58 12.38 -4.13
CA LYS B 33 -5.90 13.00 -2.85
C LYS B 33 -7.41 13.19 -2.68
N TYR B 34 -7.98 12.52 -1.68
CA TYR B 34 -9.41 12.52 -1.41
C TYR B 34 -9.77 13.02 -0.03
N ARG B 35 -11.08 13.14 0.18
CA ARG B 35 -11.71 13.51 1.44
C ARG B 35 -13.15 13.00 1.32
N THR B 36 -13.53 12.10 2.23
CA THR B 36 -14.85 11.49 2.18
C THR B 36 -15.93 12.39 2.78
N GLU B 37 -17.08 12.44 2.11
CA GLU B 37 -18.20 13.25 2.56
C GLU B 37 -19.51 12.68 2.05
N ILE B 38 -20.53 12.71 2.92
CA ILE B 38 -21.86 12.24 2.54
C ILE B 38 -22.49 13.28 1.62
N ALA B 39 -23.18 12.82 0.58
CA ALA B 39 -23.80 13.74 -0.38
C ALA B 39 -24.98 14.48 0.23
N PRO B 40 -25.01 15.83 0.17
CA PRO B 40 -26.10 16.61 0.73
C PRO B 40 -27.26 16.79 -0.26
N PRO B 46 -21.11 21.91 0.85
CA PRO B 46 -20.05 22.32 1.77
C PRO B 46 -19.31 23.56 1.31
N THR B 47 -18.14 23.82 1.89
CA THR B 47 -17.33 24.97 1.50
C THR B 47 -16.61 24.56 0.21
N LEU B 48 -17.01 25.23 -0.88
CA LEU B 48 -16.46 24.91 -2.18
C LEU B 48 -15.08 25.54 -2.39
N THR B 49 -14.86 26.74 -1.87
CA THR B 49 -13.57 27.41 -2.01
C THR B 49 -13.18 28.03 -0.68
N ASP B 50 -11.90 27.92 -0.34
CA ASP B 50 -11.37 28.45 0.91
C ASP B 50 -10.57 29.70 0.59
N LYS B 51 -11.14 30.86 0.96
CA LYS B 51 -10.58 32.20 0.78
C LYS B 51 -10.24 32.51 -0.68
N GLY B 52 -11.11 32.09 -1.58
CA GLY B 52 -10.93 32.31 -3.01
C GLY B 52 -9.79 31.53 -3.64
N ARG B 53 -9.60 30.28 -3.24
CA ARG B 53 -8.54 29.43 -3.76
C ARG B 53 -9.13 28.14 -4.31
N GLY B 54 -8.26 27.37 -4.98
CA GLY B 54 -8.61 26.11 -5.60
C GLY B 54 -8.63 24.93 -4.65
N ARG B 55 -9.71 24.78 -3.87
CA ARG B 55 -9.83 23.68 -2.93
C ARG B 55 -9.98 22.33 -3.63
N PHE B 56 -10.84 22.27 -4.64
CA PHE B 56 -11.06 21.04 -5.39
C PHE B 56 -10.69 21.20 -6.86
N ALA B 57 -10.37 20.06 -7.49
CA ALA B 57 -10.01 20.00 -8.90
C ALA B 57 -10.73 18.88 -9.63
N LEU B 58 -11.31 17.92 -8.91
CA LEU B 58 -12.05 16.81 -9.48
C LEU B 58 -13.21 16.51 -8.56
N ILE B 59 -14.41 16.45 -9.12
CA ILE B 59 -15.62 16.21 -8.37
C ILE B 59 -16.21 14.88 -8.84
N ILE B 60 -16.15 13.85 -8.00
CA ILE B 60 -16.65 12.52 -8.34
C ILE B 60 -17.96 12.25 -7.60
N TYR B 61 -19.01 11.88 -8.34
CA TYR B 61 -20.31 11.53 -7.75
C TYR B 61 -20.53 10.04 -7.94
N GLU B 62 -20.85 9.35 -6.83
CA GLU B 62 -21.13 7.92 -6.91
C GLU B 62 -22.53 7.70 -7.48
N ASN B 63 -23.42 8.65 -7.29
CA ASN B 63 -24.78 8.61 -7.79
C ASN B 63 -24.96 9.86 -8.63
N ILE B 64 -25.59 9.71 -9.81
CA ILE B 64 -25.81 10.87 -10.68
C ILE B 64 -26.97 11.72 -10.15
N LEU B 65 -27.83 11.13 -9.30
CA LEU B 65 -28.95 11.86 -8.73
C LEU B 65 -28.49 12.87 -7.69
N LYS B 66 -27.30 12.69 -7.13
CA LYS B 66 -26.77 13.65 -6.17
C LYS B 66 -26.30 14.91 -6.89
N TYR B 67 -25.79 14.73 -8.12
CA TYR B 67 -25.33 15.88 -8.90
C TYR B 67 -26.50 16.58 -9.58
N VAL B 68 -27.52 15.82 -9.95
CA VAL B 68 -28.68 16.42 -10.63
C VAL B 68 -29.64 17.06 -9.63
N ASN B 69 -29.97 16.35 -8.55
CA ASN B 69 -30.94 16.86 -7.57
C ASN B 69 -30.32 17.52 -6.34
N LEU B 70 -29.22 18.28 -6.50
CA LEU B 70 -28.64 18.97 -5.35
C LEU B 70 -29.38 20.30 -5.15
N ASP B 71 -28.99 21.04 -4.10
CA ASP B 71 -29.58 22.33 -3.78
C ASP B 71 -29.24 23.34 -4.86
N ALA B 72 -30.22 24.19 -5.20
CA ALA B 72 -30.12 25.18 -6.28
C ALA B 72 -29.00 26.20 -6.05
N TRP B 73 -28.81 26.63 -4.79
CA TRP B 73 -27.74 27.56 -4.45
C TRP B 73 -26.39 26.88 -4.60
N ASN B 74 -26.31 25.62 -4.15
CA ASN B 74 -25.06 24.86 -4.27
C ASN B 74 -24.81 24.46 -5.72
N ARG B 75 -25.86 24.24 -6.50
CA ARG B 75 -25.72 23.87 -7.91
C ARG B 75 -25.20 25.06 -8.73
N GLU B 76 -25.76 26.26 -8.48
CA GLU B 76 -25.29 27.45 -9.18
C GLU B 76 -23.90 27.84 -8.70
N LEU B 77 -23.59 27.52 -7.43
CA LEU B 77 -22.27 27.79 -6.88
C LEU B 77 -21.22 26.87 -7.49
N LEU B 78 -21.55 25.58 -7.70
CA LEU B 78 -20.58 24.67 -8.31
C LEU B 78 -20.46 24.96 -9.81
N ASP B 79 -21.51 25.52 -10.42
CA ASP B 79 -21.42 25.91 -11.83
C ASP B 79 -20.52 27.12 -11.98
N LYS B 80 -20.58 28.05 -11.01
CA LYS B 80 -19.70 29.21 -11.01
C LYS B 80 -18.25 28.79 -10.77
N TYR B 81 -18.05 27.83 -9.86
CA TYR B 81 -16.73 27.30 -9.54
C TYR B 81 -16.13 26.51 -10.69
N CYS B 82 -16.97 25.76 -11.42
CA CYS B 82 -16.50 24.95 -12.53
C CYS B 82 -16.17 25.83 -13.74
N VAL B 83 -16.92 26.92 -13.96
CA VAL B 83 -16.60 27.78 -15.09
C VAL B 83 -15.39 28.65 -14.77
N ALA B 84 -15.30 29.16 -13.53
CA ALA B 84 -14.21 30.04 -13.16
C ALA B 84 -12.88 29.32 -12.95
N TYR B 85 -12.89 28.09 -12.42
CA TYR B 85 -11.62 27.42 -12.14
C TYR B 85 -11.34 26.20 -13.03
N GLY B 86 -12.34 25.63 -13.67
CA GLY B 86 -12.11 24.48 -14.54
C GLY B 86 -11.78 23.17 -13.84
N VAL B 87 -12.75 22.60 -13.13
CA VAL B 87 -12.57 21.33 -12.43
C VAL B 87 -13.30 20.24 -13.20
N GLY B 88 -13.06 18.98 -12.82
CA GLY B 88 -13.70 17.87 -13.49
C GLY B 88 -14.85 17.27 -12.72
N ILE B 89 -15.91 16.92 -13.44
CA ILE B 89 -17.12 16.35 -12.85
C ILE B 89 -17.29 14.91 -13.34
N ILE B 90 -17.25 13.95 -12.42
CA ILE B 90 -17.43 12.54 -12.71
C ILE B 90 -18.72 12.07 -12.06
N GLY B 91 -19.60 11.47 -12.85
CA GLY B 91 -20.86 10.98 -12.33
C GLY B 91 -21.17 9.55 -12.71
N PHE B 92 -21.32 8.68 -11.72
CA PHE B 92 -21.62 7.28 -11.98
C PHE B 92 -23.14 7.11 -11.98
N PHE B 93 -23.67 6.38 -12.96
CA PHE B 93 -25.11 6.14 -13.05
C PHE B 93 -25.57 5.15 -11.98
N CYS B 121 -17.19 -4.59 -26.15
CA CYS B 121 -17.03 -3.14 -26.07
C CYS B 121 -15.59 -2.73 -26.32
N SER B 122 -15.37 -1.91 -27.33
CA SER B 122 -14.04 -1.43 -27.69
C SER B 122 -13.90 0.04 -27.28
N ILE B 123 -12.71 0.58 -27.51
CA ILE B 123 -12.38 1.96 -27.15
C ILE B 123 -12.26 2.78 -28.44
N ASN B 124 -12.78 4.00 -28.41
CA ASN B 124 -12.73 4.88 -29.58
C ASN B 124 -11.30 5.41 -29.73
N PRO B 125 -10.65 5.22 -30.88
CA PRO B 125 -9.26 5.69 -31.03
C PRO B 125 -9.11 7.21 -31.13
N LYS B 126 -10.10 7.91 -31.67
CA LYS B 126 -10.02 9.38 -31.80
C LYS B 126 -10.58 10.01 -30.53
N SER B 127 -9.82 9.89 -29.44
CA SER B 127 -10.20 10.43 -28.16
C SER B 127 -9.00 11.14 -27.55
N PRO B 128 -9.21 12.27 -26.86
CA PRO B 128 -8.09 12.99 -26.25
C PRO B 128 -7.55 12.35 -24.98
N LEU B 129 -8.22 11.33 -24.43
CA LEU B 129 -7.75 10.67 -23.23
C LEU B 129 -7.34 9.24 -23.55
N LEU B 130 -6.60 9.06 -24.64
CA LEU B 130 -6.11 7.75 -25.05
C LEU B 130 -4.62 7.61 -24.69
N TYR B 131 -4.20 8.26 -23.60
CA TYR B 131 -2.80 8.22 -23.20
C TYR B 131 -2.47 6.91 -22.48
N VAL B 132 -3.46 6.23 -21.93
CA VAL B 132 -3.24 4.95 -21.26
C VAL B 132 -3.89 3.82 -22.05
N THR B 133 -5.18 3.93 -22.34
CA THR B 133 -5.93 2.89 -23.05
C THR B 133 -5.54 2.79 -24.52
N ARG B 134 -5.57 1.56 -25.03
N ARG B 134 -5.58 1.56 -25.04
CA ARG B 134 -5.24 1.28 -26.43
CA ARG B 134 -5.25 1.28 -26.43
C ARG B 134 -6.44 0.59 -27.07
C ARG B 134 -6.45 0.60 -27.08
N PRO B 135 -6.90 1.05 -28.25
CA PRO B 135 -8.05 0.40 -28.88
C PRO B 135 -7.66 -0.93 -29.52
N SER B 136 -8.49 -1.95 -29.28
CA SER B 136 -8.24 -3.28 -29.81
C SER B 136 -9.22 -3.63 -30.93
N THR B 157 -22.23 17.65 -29.20
CA THR B 157 -22.03 18.28 -27.90
C THR B 157 -21.16 17.42 -27.00
N TYR B 158 -21.19 16.10 -27.25
CA TYR B 158 -20.40 15.15 -26.48
C TYR B 158 -19.73 14.16 -27.42
N GLU B 159 -18.63 13.59 -26.95
CA GLU B 159 -17.91 12.61 -27.76
C GLU B 159 -17.83 11.29 -27.00
N PRO B 160 -17.92 10.16 -27.69
CA PRO B 160 -17.84 8.88 -26.98
C PRO B 160 -16.41 8.44 -26.72
N VAL B 161 -16.27 7.55 -25.74
CA VAL B 161 -14.99 6.98 -25.35
C VAL B 161 -15.00 5.46 -25.54
N LEU B 162 -15.95 4.78 -24.92
CA LEU B 162 -16.07 3.34 -25.05
C LEU B 162 -17.18 2.94 -26.02
N LEU B 163 -17.02 3.31 -27.29
CA LEU B 163 -18.02 2.99 -28.31
C LEU B 163 -17.89 1.53 -28.75
N HIS B 186 -24.94 4.47 -27.25
CA HIS B 186 -23.76 5.33 -27.37
C HIS B 186 -22.55 4.64 -26.75
N ALA B 187 -22.29 4.95 -25.48
CA ALA B 187 -21.17 4.38 -24.75
C ALA B 187 -21.47 4.41 -23.26
N THR B 188 -20.86 3.49 -22.51
CA THR B 188 -21.06 3.45 -21.07
C THR B 188 -20.28 4.57 -20.40
N VAL B 189 -19.19 5.00 -21.01
CA VAL B 189 -18.34 6.08 -20.53
C VAL B 189 -18.33 7.13 -21.64
N VAL B 190 -18.97 8.27 -21.39
CA VAL B 190 -19.04 9.33 -22.39
C VAL B 190 -18.20 10.52 -21.94
N GLN B 191 -18.08 11.53 -22.78
CA GLN B 191 -17.29 12.72 -22.45
C GLN B 191 -17.89 13.92 -23.17
N ASP B 192 -18.25 14.94 -22.40
CA ASP B 192 -18.82 16.16 -22.98
C ASP B 192 -17.77 17.26 -23.01
N LEU B 193 -17.76 18.03 -24.11
CA LEU B 193 -16.80 19.12 -24.22
C LEU B 193 -17.22 20.29 -23.35
N GLY B 194 -18.53 20.55 -23.28
CA GLY B 194 -19.07 21.61 -22.46
C GLY B 194 -19.67 22.78 -23.21
N LEU B 195 -21.00 22.76 -23.35
CA LEU B 195 -21.72 23.82 -24.01
C LEU B 195 -22.89 24.24 -23.12
N HIS B 196 -23.52 23.26 -22.49
CA HIS B 196 -24.65 23.55 -21.60
C HIS B 196 -24.18 24.16 -20.29
N ASP B 197 -23.12 23.61 -19.71
CA ASP B 197 -22.56 24.12 -18.47
C ASP B 197 -21.17 24.71 -18.70
N GLY B 198 -20.59 24.50 -19.87
CA GLY B 198 -19.27 25.01 -20.21
C GLY B 198 -18.13 24.37 -19.45
N ILE B 199 -18.21 23.06 -19.22
CA ILE B 199 -17.16 22.36 -18.50
C ILE B 199 -17.09 20.92 -19.03
N GLN B 200 -15.90 20.33 -18.93
CA GLN B 200 -15.69 18.97 -19.38
C GLN B 200 -16.13 18.01 -18.27
N ARG B 201 -16.90 16.98 -18.64
CA ARG B 201 -17.38 16.01 -17.67
C ARG B 201 -17.44 14.62 -18.29
N VAL B 202 -17.31 13.60 -17.44
CA VAL B 202 -17.34 12.20 -17.85
C VAL B 202 -18.41 11.50 -17.03
N LEU B 203 -19.35 10.84 -17.71
CA LEU B 203 -20.45 10.14 -17.06
C LEU B 203 -20.33 8.64 -17.27
N PHE B 204 -20.27 7.88 -16.17
CA PHE B 204 -20.13 6.43 -16.19
C PHE B 204 -21.51 5.78 -16.12
N GLY B 205 -21.91 5.12 -17.20
CA GLY B 205 -23.23 4.48 -17.21
C GLY B 205 -23.26 3.18 -16.41
N ASN B 206 -22.13 2.49 -16.33
CA ASN B 206 -22.04 1.25 -15.59
C ASN B 206 -21.27 1.46 -14.30
N ASN B 207 -21.30 0.45 -13.41
CA ASN B 207 -20.60 0.54 -12.15
C ASN B 207 -19.13 0.21 -12.31
N LEU B 208 -18.40 0.11 -11.21
CA LEU B 208 -16.98 -0.19 -11.26
C LEU B 208 -16.76 -1.67 -10.95
N ASN B 209 -16.97 -2.52 -11.96
CA ASN B 209 -16.78 -3.95 -11.83
C ASN B 209 -15.97 -4.50 -13.00
N PHE B 210 -16.18 -3.96 -14.19
CA PHE B 210 -15.44 -4.40 -15.37
C PHE B 210 -14.10 -3.68 -15.42
N TRP B 211 -13.11 -4.35 -16.00
CA TRP B 211 -11.75 -3.83 -16.08
C TRP B 211 -11.62 -2.64 -17.02
N LEU B 212 -12.42 -2.62 -18.09
CA LEU B 212 -12.39 -1.55 -19.08
C LEU B 212 -12.86 -0.22 -18.50
N HIS B 213 -13.78 -0.29 -17.55
CA HIS B 213 -14.33 0.89 -16.88
C HIS B 213 -13.26 1.57 -16.04
N LYS B 214 -12.45 0.77 -15.34
CA LYS B 214 -11.35 1.29 -14.51
C LYS B 214 -10.23 1.81 -15.40
N LEU B 215 -10.00 1.11 -16.52
CA LEU B 215 -8.98 1.44 -17.51
C LEU B 215 -9.23 2.82 -18.12
N VAL B 216 -10.49 3.14 -18.41
CA VAL B 216 -10.80 4.47 -18.92
C VAL B 216 -11.08 5.45 -17.79
N PHE B 217 -11.28 4.95 -16.56
CA PHE B 217 -11.53 5.83 -15.41
C PHE B 217 -10.27 6.59 -15.03
N VAL B 218 -9.11 5.95 -15.19
CA VAL B 218 -7.82 6.59 -14.91
C VAL B 218 -7.59 7.76 -15.88
N ASP B 219 -7.95 7.55 -17.15
CA ASP B 219 -7.80 8.60 -18.15
C ASP B 219 -8.85 9.69 -17.98
N ALA B 220 -10.02 9.32 -17.45
CA ALA B 220 -11.08 10.30 -17.18
C ALA B 220 -10.66 11.23 -16.06
N VAL B 221 -10.02 10.68 -15.03
CA VAL B 221 -9.50 11.47 -13.91
C VAL B 221 -8.36 12.37 -14.40
N ALA B 222 -7.53 11.85 -15.30
CA ALA B 222 -6.40 12.62 -15.80
C ALA B 222 -6.79 13.77 -16.73
N PHE B 223 -7.75 13.54 -17.64
CA PHE B 223 -8.11 14.64 -18.55
C PHE B 223 -9.10 15.60 -17.89
N LEU B 224 -9.85 15.16 -16.89
CA LEU B 224 -10.79 16.09 -16.26
C LEU B 224 -10.07 17.03 -15.29
N THR B 225 -8.82 16.71 -14.94
CA THR B 225 -8.01 17.56 -14.07
C THR B 225 -6.95 18.35 -14.83
N GLY B 226 -6.90 18.20 -16.15
CA GLY B 226 -5.91 18.92 -16.96
C GLY B 226 -4.49 18.42 -16.78
N LYS B 227 -4.31 17.10 -16.74
CA LYS B 227 -3.06 16.34 -16.59
C LYS B 227 -2.37 16.69 -15.26
N ARG B 228 -3.14 16.99 -14.22
CA ARG B 228 -2.54 17.31 -12.93
C ARG B 228 -2.60 16.11 -11.99
N LEU B 229 -3.49 15.17 -12.28
CA LEU B 229 -3.66 13.93 -11.52
C LEU B 229 -3.54 12.83 -12.57
N SER B 230 -2.30 12.49 -12.91
CA SER B 230 -2.03 11.52 -13.95
C SER B 230 -1.12 10.42 -13.41
N LEU B 231 -0.84 9.47 -14.30
CA LEU B 231 0.04 8.34 -14.06
C LEU B 231 1.04 8.38 -15.20
N PRO B 232 2.32 8.11 -14.97
CA PRO B 232 3.30 8.17 -16.06
C PRO B 232 3.14 7.03 -17.06
N LEU B 233 3.64 7.29 -18.28
CA LEU B 233 3.57 6.31 -19.37
C LEU B 233 4.46 5.11 -19.12
N ASP B 234 5.60 5.33 -18.47
CA ASP B 234 6.56 4.26 -18.21
C ASP B 234 6.12 3.28 -17.12
N ARG B 235 5.52 2.17 -17.53
CA ARG B 235 5.10 1.13 -16.61
C ARG B 235 6.33 0.30 -16.33
N TYR B 236 6.38 -0.30 -15.16
CA TYR B 236 7.53 -1.08 -14.76
C TYR B 236 6.97 -2.33 -14.09
N ILE B 237 6.98 -3.45 -14.82
CA ILE B 237 6.40 -4.71 -14.36
C ILE B 237 7.54 -5.60 -13.89
N LEU B 238 7.37 -6.25 -12.74
CA LEU B 238 8.36 -7.17 -12.18
C LEU B 238 7.68 -8.51 -11.94
N VAL B 239 7.78 -9.41 -12.91
CA VAL B 239 7.19 -10.74 -12.79
C VAL B 239 8.11 -11.57 -11.91
N ASP B 240 7.64 -11.93 -10.72
CA ASP B 240 8.42 -12.70 -9.74
C ASP B 240 7.79 -14.06 -9.58
N ILE B 241 8.63 -15.09 -9.45
CA ILE B 241 8.15 -16.47 -9.36
C ILE B 241 8.78 -17.00 -8.08
N ASP B 242 7.98 -17.31 -7.07
CA ASP B 242 8.54 -17.79 -5.82
C ASP B 242 8.72 -19.31 -5.86
N ASP B 243 9.10 -19.86 -4.70
CA ASP B 243 9.24 -21.28 -4.32
C ASP B 243 9.85 -22.23 -5.35
N ILE B 244 10.98 -21.87 -5.99
CA ILE B 244 11.61 -22.77 -6.94
C ILE B 244 12.30 -23.87 -6.15
N PHE B 245 12.05 -25.13 -6.56
CA PHE B 245 12.51 -26.38 -5.96
C PHE B 245 11.97 -26.50 -4.53
N VAL B 246 10.64 -26.66 -4.44
CA VAL B 246 9.95 -26.79 -3.17
C VAL B 246 9.07 -28.03 -3.14
N GLY B 247 8.82 -28.65 -4.30
CA GLY B 247 7.97 -29.83 -4.35
C GLY B 247 8.55 -31.08 -3.74
N LYS B 248 7.69 -31.88 -3.10
CA LYS B 248 8.18 -33.11 -2.49
C LYS B 248 8.32 -34.21 -3.53
N GLU B 249 7.22 -34.61 -4.16
CA GLU B 249 7.26 -35.66 -5.18
C GLU B 249 6.06 -35.52 -6.10
N GLY B 250 6.34 -35.38 -7.39
CA GLY B 250 5.29 -35.26 -8.40
C GLY B 250 4.72 -33.88 -8.63
N THR B 251 5.13 -32.89 -7.83
CA THR B 251 4.62 -31.53 -7.98
C THR B 251 5.73 -30.55 -8.35
N ARG B 252 6.63 -30.94 -9.25
CA ARG B 252 7.74 -30.10 -9.66
C ARG B 252 7.72 -29.95 -11.18
N MET B 253 8.77 -29.35 -11.73
CA MET B 253 8.87 -29.15 -13.16
C MET B 253 9.54 -30.34 -13.86
N LYS B 254 9.45 -30.36 -15.19
CA LYS B 254 10.02 -31.41 -16.03
C LYS B 254 10.86 -30.78 -17.15
N VAL B 255 11.16 -31.59 -18.17
CA VAL B 255 11.98 -31.14 -19.30
C VAL B 255 11.23 -30.17 -20.22
N GLU B 256 10.03 -30.60 -20.64
CA GLU B 256 9.21 -29.84 -21.60
C GLU B 256 8.72 -28.50 -21.06
N ASP B 257 8.29 -28.45 -19.79
CA ASP B 257 7.80 -27.19 -19.24
C ASP B 257 8.93 -26.19 -18.98
N VAL B 258 10.14 -26.68 -18.67
CA VAL B 258 11.30 -25.81 -18.48
C VAL B 258 11.73 -25.20 -19.81
N LYS B 259 11.75 -26.03 -20.87
CA LYS B 259 12.10 -25.56 -22.20
C LYS B 259 11.03 -24.59 -22.72
N ALA B 260 9.77 -24.84 -22.39
CA ALA B 260 8.69 -23.94 -22.78
C ALA B 260 8.76 -22.64 -21.99
N LEU B 261 9.31 -22.69 -20.77
CA LEU B 261 9.46 -21.50 -19.95
C LEU B 261 10.55 -20.59 -20.50
N PHE B 262 11.67 -21.18 -20.98
CA PHE B 262 12.76 -20.38 -21.52
C PHE B 262 12.28 -19.77 -22.86
N ASP B 263 11.56 -20.58 -23.65
CA ASP B 263 11.02 -20.11 -24.93
C ASP B 263 9.96 -19.05 -24.73
N THR B 264 9.19 -19.14 -23.63
CA THR B 264 8.17 -18.13 -23.33
C THR B 264 8.83 -16.82 -22.92
N GLN B 265 10.00 -16.91 -22.28
CA GLN B 265 10.72 -15.69 -21.90
C GLN B 265 11.33 -15.02 -23.13
N ASN B 266 11.88 -15.80 -24.06
CA ASN B 266 12.50 -15.20 -25.25
C ASN B 266 11.50 -14.76 -26.32
N GLU B 267 10.36 -15.45 -26.47
CA GLU B 267 9.41 -15.04 -27.51
C GLU B 267 8.66 -13.80 -27.08
N LEU B 268 8.54 -13.59 -25.77
CA LEU B 268 7.81 -12.43 -25.30
C LEU B 268 8.73 -11.27 -24.97
N ARG B 269 10.01 -11.39 -25.32
CA ARG B 269 10.99 -10.34 -25.09
C ARG B 269 11.00 -9.32 -26.22
N ALA B 270 10.19 -9.53 -27.25
CA ALA B 270 10.13 -8.56 -28.35
C ALA B 270 9.05 -7.54 -28.06
N HIS B 271 8.04 -7.94 -27.30
CA HIS B 271 6.90 -7.14 -26.88
C HIS B 271 7.37 -6.16 -25.81
N ILE B 272 8.12 -6.67 -24.85
CA ILE B 272 8.64 -5.88 -23.73
C ILE B 272 10.16 -6.04 -23.72
N PRO B 273 10.93 -4.95 -23.69
CA PRO B 273 12.39 -5.04 -23.62
C PRO B 273 12.85 -5.67 -22.31
N ASN B 274 13.84 -6.58 -22.43
CA ASN B 274 14.48 -7.44 -21.43
C ASN B 274 13.50 -8.06 -20.41
N PHE B 275 12.33 -8.50 -20.89
CA PHE B 275 11.33 -9.14 -20.04
C PHE B 275 11.78 -10.55 -19.71
N THR B 276 11.79 -10.86 -18.41
CA THR B 276 12.22 -12.17 -17.92
C THR B 276 11.18 -12.69 -16.92
N PHE B 277 11.61 -13.71 -16.18
CA PHE B 277 10.81 -14.37 -15.15
C PHE B 277 11.71 -14.47 -13.93
N ASN B 278 11.56 -13.55 -12.96
CA ASN B 278 12.40 -13.55 -11.76
C ASN B 278 12.02 -14.73 -10.86
N LEU B 279 12.99 -15.63 -10.58
CA LEU B 279 12.74 -16.87 -9.84
C LEU B 279 13.23 -16.90 -8.39
N GLY B 280 12.37 -17.35 -7.47
CA GLY B 280 12.71 -17.50 -6.05
C GLY B 280 13.11 -18.92 -5.71
N TYR B 281 14.42 -19.18 -5.64
CA TYR B 281 14.97 -20.52 -5.43
C TYR B 281 15.11 -20.96 -3.97
N SER B 282 14.92 -22.26 -3.77
CA SER B 282 15.07 -22.96 -2.49
C SER B 282 16.00 -24.12 -2.80
N GLY B 283 16.96 -24.41 -1.91
CA GLY B 283 17.91 -25.46 -2.23
C GLY B 283 17.75 -26.76 -1.46
N LYS B 284 16.92 -26.78 -0.41
CA LYS B 284 16.73 -28.01 0.36
C LYS B 284 15.89 -29.03 -0.41
N PHE B 285 14.81 -28.57 -1.02
CA PHE B 285 13.93 -29.48 -1.77
C PHE B 285 14.30 -29.47 -3.25
N PHE B 286 15.57 -29.73 -3.56
CA PHE B 286 16.04 -29.74 -4.94
C PHE B 286 16.08 -31.13 -5.56
N HIS B 287 16.48 -32.15 -4.80
CA HIS B 287 16.56 -33.51 -5.32
C HIS B 287 15.51 -34.44 -4.74
N THR B 288 14.42 -33.92 -4.19
CA THR B 288 13.40 -34.80 -3.62
C THR B 288 12.46 -35.38 -4.68
N GLY B 289 12.47 -34.83 -5.88
CA GLY B 289 11.60 -35.32 -6.94
C GLY B 289 12.07 -36.63 -7.54
N THR B 290 11.32 -37.07 -8.55
CA THR B 290 11.62 -38.33 -9.23
C THR B 290 12.74 -38.12 -10.25
N ASN B 291 12.92 -39.14 -11.12
CA ASN B 291 13.97 -39.06 -12.14
C ASN B 291 13.57 -38.08 -13.24
N ALA B 292 12.27 -37.98 -13.52
CA ALA B 292 11.81 -37.04 -14.54
C ALA B 292 11.80 -35.61 -14.00
N GLU B 293 11.57 -35.47 -12.69
CA GLU B 293 11.54 -34.15 -12.08
C GLU B 293 12.94 -33.60 -11.87
N ASP B 294 13.90 -34.48 -11.60
CA ASP B 294 15.28 -34.04 -11.39
C ASP B 294 15.95 -33.70 -12.72
N ALA B 295 15.52 -34.35 -13.81
CA ALA B 295 16.10 -34.09 -15.13
C ALA B 295 15.69 -32.72 -15.64
N GLY B 296 14.51 -32.24 -15.26
CA GLY B 296 14.08 -30.93 -15.69
C GLY B 296 14.67 -29.82 -14.85
N ASP B 297 15.01 -30.12 -13.60
CA ASP B 297 15.58 -29.11 -12.73
C ASP B 297 17.07 -28.93 -12.99
N ASP B 298 17.74 -29.96 -13.50
CA ASP B 298 19.17 -29.84 -13.82
C ASP B 298 19.37 -29.17 -15.17
N LEU B 299 18.30 -29.05 -15.94
CA LEU B 299 18.40 -28.44 -17.26
C LEU B 299 18.42 -26.91 -17.10
N LEU B 300 17.85 -26.40 -16.00
CA LEU B 300 17.80 -24.97 -15.71
C LEU B 300 19.17 -24.39 -15.30
N LEU B 301 20.14 -25.25 -15.01
CA LEU B 301 21.44 -24.77 -14.55
C LEU B 301 22.27 -24.19 -15.70
N SER B 302 22.15 -24.76 -16.89
CA SER B 302 22.88 -24.23 -18.04
C SER B 302 22.03 -23.22 -18.80
N TYR B 303 20.81 -23.02 -18.32
CA TYR B 303 19.77 -22.15 -18.83
C TYR B 303 19.66 -20.89 -17.99
N VAL B 304 20.67 -20.65 -17.13
CA VAL B 304 20.76 -19.51 -16.23
C VAL B 304 21.38 -18.29 -16.92
N LYS B 305 21.80 -18.46 -18.20
CA LYS B 305 22.43 -17.39 -18.97
C LYS B 305 21.48 -16.22 -19.24
N GLU B 306 20.23 -16.52 -19.60
CA GLU B 306 19.21 -15.50 -19.84
C GLU B 306 17.97 -15.88 -19.03
N PHE B 307 17.99 -15.49 -17.76
CA PHE B 307 16.96 -15.68 -16.75
C PHE B 307 17.33 -14.85 -15.54
N TRP B 308 16.31 -14.35 -14.85
CA TRP B 308 16.51 -13.57 -13.64
C TRP B 308 16.09 -14.43 -12.47
N TRP B 309 16.83 -14.34 -11.37
CA TRP B 309 16.50 -15.15 -10.20
C TRP B 309 16.62 -14.31 -8.95
N PHE B 310 15.67 -14.50 -7.98
CA PHE B 310 15.77 -13.69 -6.77
C PHE B 310 15.93 -14.56 -5.52
N PRO B 311 16.60 -14.05 -4.47
CA PRO B 311 16.77 -14.80 -3.23
C PRO B 311 15.52 -15.17 -2.44
N HIS B 312 15.61 -16.31 -1.75
CA HIS B 312 14.59 -16.91 -0.91
C HIS B 312 15.39 -17.73 0.12
N MET B 313 14.78 -18.61 0.91
CA MET B 313 15.59 -19.40 1.83
C MET B 313 15.54 -20.89 1.49
N TRP B 314 16.50 -21.58 2.12
CA TRP B 314 16.80 -22.99 1.90
C TRP B 314 15.63 -23.93 2.23
N SER B 315 15.25 -24.02 3.51
CA SER B 315 14.23 -24.98 3.95
C SER B 315 12.78 -24.58 3.73
N HIS B 316 12.51 -23.36 3.24
CA HIS B 316 11.17 -22.79 2.98
C HIS B 316 10.29 -22.79 4.24
N MET B 317 10.74 -22.05 5.25
CA MET B 317 10.00 -21.89 6.49
C MET B 317 9.92 -20.40 6.75
N GLN B 318 8.88 -19.99 7.48
CA GLN B 318 8.64 -18.58 7.75
C GLN B 318 9.72 -17.99 8.66
N PRO B 319 10.14 -16.74 8.41
CA PRO B 319 11.19 -16.14 9.24
C PRO B 319 10.78 -15.66 10.61
N HIS B 320 9.49 -15.74 11.01
CA HIS B 320 9.16 -15.27 12.36
C HIS B 320 9.53 -16.33 13.40
N LEU B 321 9.70 -17.59 12.97
CA LEU B 321 10.14 -18.61 13.92
C LEU B 321 11.62 -18.46 14.20
N PHE B 322 12.36 -17.87 13.25
CA PHE B 322 13.79 -17.62 13.40
C PHE B 322 13.93 -16.24 14.04
N HIS B 323 14.01 -16.23 15.36
CA HIS B 323 14.14 -14.96 16.08
C HIS B 323 15.59 -14.54 16.25
N ASN B 324 16.54 -15.31 15.72
CA ASN B 324 17.97 -15.00 15.82
C ASN B 324 18.54 -14.72 14.43
N GLN B 325 19.62 -13.94 14.38
CA GLN B 325 20.29 -13.63 13.11
C GLN B 325 21.05 -14.83 12.57
N SER B 326 21.53 -15.70 13.48
CA SER B 326 22.34 -16.86 13.11
C SER B 326 21.57 -17.90 12.30
N VAL B 327 20.40 -18.34 12.78
CA VAL B 327 19.65 -19.37 12.08
C VAL B 327 19.03 -18.88 10.77
N LEU B 328 18.49 -17.65 10.74
CA LEU B 328 17.91 -17.11 9.51
C LEU B 328 19.00 -16.79 8.50
N ALA B 329 20.13 -16.24 8.97
CA ALA B 329 21.27 -15.93 8.12
C ALA B 329 21.92 -17.19 7.58
N GLU B 330 21.86 -18.29 8.35
CA GLU B 330 22.40 -19.55 7.87
C GLU B 330 21.50 -20.16 6.81
N GLN B 331 20.18 -19.94 6.91
CA GLN B 331 19.25 -20.42 5.89
C GLN B 331 19.48 -19.71 4.55
N MET B 332 19.63 -18.38 4.60
CA MET B 332 19.90 -17.66 3.34
C MET B 332 21.35 -17.84 2.90
N ALA B 333 22.24 -18.22 3.82
CA ALA B 333 23.63 -18.49 3.44
C ALA B 333 23.71 -19.81 2.70
N LEU B 334 22.86 -20.78 3.09
CA LEU B 334 22.80 -22.05 2.37
C LEU B 334 22.19 -21.83 1.00
N ASN B 335 21.23 -20.90 0.90
CA ASN B 335 20.70 -20.58 -0.42
C ASN B 335 21.71 -19.76 -1.25
N LYS B 336 22.62 -19.06 -0.58
CA LYS B 336 23.67 -18.33 -1.28
C LYS B 336 24.69 -19.31 -1.84
N LYS B 337 24.93 -20.40 -1.09
CA LYS B 337 25.80 -21.48 -1.54
C LYS B 337 25.17 -22.17 -2.75
N PHE B 338 23.84 -22.30 -2.72
CA PHE B 338 23.08 -22.85 -3.83
C PHE B 338 23.14 -21.91 -5.03
N ALA B 339 23.20 -20.60 -4.77
CA ALA B 339 23.25 -19.60 -5.84
C ALA B 339 24.61 -19.58 -6.55
N VAL B 340 25.70 -19.61 -5.79
CA VAL B 340 27.02 -19.56 -6.44
C VAL B 340 27.40 -20.94 -6.99
N GLU B 341 26.75 -22.00 -6.48
CA GLU B 341 27.06 -23.35 -6.93
C GLU B 341 26.52 -23.63 -8.33
N HIS B 342 25.33 -23.15 -8.65
CA HIS B 342 24.73 -23.43 -9.95
C HIS B 342 24.83 -22.26 -10.92
N GLY B 343 25.70 -21.29 -10.65
CA GLY B 343 25.87 -20.16 -11.57
C GLY B 343 24.74 -19.16 -11.57
N ILE B 344 23.96 -19.13 -10.50
CA ILE B 344 22.81 -18.23 -10.36
C ILE B 344 23.24 -16.82 -9.96
N PRO B 345 22.78 -15.77 -10.67
CA PRO B 345 23.18 -14.38 -10.34
C PRO B 345 22.53 -13.86 -9.07
N THR B 346 23.34 -13.12 -8.28
CA THR B 346 22.93 -12.53 -7.00
C THR B 346 22.90 -11.00 -7.05
N ASP B 347 23.03 -10.41 -8.22
CA ASP B 347 23.02 -8.96 -8.39
C ASP B 347 21.64 -8.33 -8.62
N MET B 348 20.57 -8.98 -8.14
CA MET B 348 19.26 -8.44 -8.44
C MET B 348 18.71 -7.54 -7.33
N GLY B 349 18.79 -7.98 -6.09
CA GLY B 349 18.30 -7.18 -4.99
C GLY B 349 16.83 -7.29 -4.67
N TYR B 350 16.22 -8.45 -4.90
CA TYR B 350 14.80 -8.67 -4.61
C TYR B 350 14.66 -9.95 -3.79
N ALA B 351 13.70 -9.98 -2.86
CA ALA B 351 13.48 -11.16 -2.02
C ALA B 351 12.05 -11.23 -1.50
N VAL B 352 11.59 -12.46 -1.24
CA VAL B 352 10.25 -12.80 -0.75
C VAL B 352 10.37 -13.90 0.31
N ALA B 353 9.57 -13.80 1.38
CA ALA B 353 9.42 -14.76 2.47
C ALA B 353 8.12 -15.52 2.22
N PRO B 354 7.98 -16.78 2.70
CA PRO B 354 6.74 -17.53 2.47
C PRO B 354 5.58 -17.00 3.30
N HIS B 355 4.48 -16.67 2.58
CA HIS B 355 3.23 -16.06 3.10
C HIS B 355 3.45 -14.67 3.69
N HIS B 356 4.59 -14.06 3.36
CA HIS B 356 5.08 -12.75 3.77
C HIS B 356 5.09 -12.60 5.29
N SER B 357 5.98 -13.38 5.90
CA SER B 357 6.13 -13.38 7.34
C SER B 357 7.25 -12.43 7.75
N GLY B 358 7.05 -11.74 8.87
CA GLY B 358 8.01 -10.81 9.41
C GLY B 358 8.27 -9.56 8.58
N VAL B 359 7.39 -9.20 7.67
CA VAL B 359 7.64 -8.01 6.87
C VAL B 359 6.70 -6.87 7.29
N TYR B 360 5.51 -7.18 7.80
CA TYR B 360 4.58 -6.17 8.29
C TYR B 360 3.66 -6.90 9.27
N PRO B 361 3.95 -6.85 10.61
CA PRO B 361 4.98 -6.15 11.44
C PRO B 361 6.44 -6.46 11.16
N VAL B 362 7.14 -5.34 10.93
CA VAL B 362 8.54 -5.27 10.57
C VAL B 362 9.43 -5.95 11.61
N HIS B 363 10.07 -7.01 11.16
CA HIS B 363 10.99 -7.78 11.98
C HIS B 363 12.36 -7.22 11.60
N VAL B 364 13.15 -6.85 12.60
CA VAL B 364 14.48 -6.28 12.36
C VAL B 364 15.41 -7.38 11.85
N GLN B 365 15.16 -8.62 12.27
CA GLN B 365 15.96 -9.77 11.89
C GLN B 365 15.89 -10.09 10.39
N LEU B 366 14.68 -10.06 9.81
CA LEU B 366 14.50 -10.35 8.39
C LEU B 366 15.13 -9.28 7.49
N TYR B 367 14.91 -8.00 7.82
CA TYR B 367 15.45 -6.90 7.04
C TYR B 367 16.97 -6.82 7.15
N GLU B 368 17.50 -7.02 8.36
CA GLU B 368 18.95 -6.98 8.56
C GLU B 368 19.62 -8.20 7.96
N ALA B 369 18.92 -9.35 7.92
CA ALA B 369 19.49 -10.53 7.30
C ALA B 369 19.52 -10.38 5.79
N TRP B 370 18.50 -9.68 5.26
CA TRP B 370 18.38 -9.38 3.83
C TRP B 370 19.53 -8.52 3.36
N LYS B 371 19.78 -7.42 4.08
CA LYS B 371 20.89 -6.55 3.70
C LYS B 371 22.26 -7.13 4.08
N GLN B 372 22.31 -7.98 5.11
CA GLN B 372 23.58 -8.53 5.57
C GLN B 372 24.13 -9.61 4.64
N VAL B 373 23.30 -10.57 4.26
CA VAL B 373 23.79 -11.66 3.42
C VAL B 373 23.36 -11.55 1.96
N TRP B 374 22.42 -10.65 1.63
CA TRP B 374 22.00 -10.58 0.24
C TRP B 374 21.95 -9.18 -0.37
N SER B 375 22.10 -8.10 0.42
CA SER B 375 22.03 -6.70 -0.01
C SER B 375 20.68 -6.38 -0.65
N ILE B 376 19.61 -6.92 -0.07
CA ILE B 376 18.27 -6.70 -0.60
C ILE B 376 17.82 -5.29 -0.23
N ARG B 377 17.55 -4.48 -1.24
CA ARG B 377 17.08 -3.14 -1.04
C ARG B 377 15.67 -2.98 -1.55
N VAL B 378 15.14 -3.99 -2.25
CA VAL B 378 13.79 -3.96 -2.80
C VAL B 378 13.09 -5.25 -2.35
N THR B 379 11.94 -5.12 -1.70
CA THR B 379 11.20 -6.31 -1.30
C THR B 379 9.72 -6.06 -1.51
N SER B 380 8.91 -7.06 -1.14
CA SER B 380 7.48 -6.91 -1.36
C SER B 380 6.64 -7.46 -0.21
N THR B 381 5.40 -6.97 -0.11
CA THR B 381 4.48 -7.28 0.97
C THR B 381 3.02 -7.38 0.49
N GLU B 382 2.27 -8.37 1.01
CA GLU B 382 0.86 -8.56 0.70
C GLU B 382 -0.05 -8.27 1.90
N GLU B 383 0.42 -7.50 2.88
CA GLU B 383 -0.42 -7.27 4.04
C GLU B 383 -0.41 -5.86 4.62
N TYR B 384 -0.03 -4.84 3.85
CA TYR B 384 -0.04 -3.47 4.33
C TYR B 384 -1.33 -2.82 3.84
N PRO B 385 -2.15 -2.23 4.72
CA PRO B 385 -2.06 -2.14 6.18
C PRO B 385 -2.83 -3.28 6.84
N HIS B 386 -3.33 -4.14 5.95
CA HIS B 386 -4.14 -5.33 6.16
C HIS B 386 -4.19 -6.10 4.85
N LEU B 387 -4.48 -7.40 4.94
CA LEU B 387 -4.51 -8.24 3.76
C LEU B 387 -5.75 -7.96 2.90
N LYS B 388 -6.89 -7.70 3.54
CA LYS B 388 -8.10 -7.46 2.79
C LYS B 388 -8.51 -5.99 2.84
N PRO B 389 -8.54 -5.31 1.69
CA PRO B 389 -8.23 -5.67 0.30
C PRO B 389 -6.80 -5.42 -0.24
N ALA B 390 -6.66 -5.39 -1.56
CA ALA B 390 -5.35 -5.19 -2.16
C ALA B 390 -5.18 -3.82 -2.80
N ARG B 391 -6.25 -3.03 -2.87
CA ARG B 391 -6.12 -1.70 -3.47
C ARG B 391 -5.66 -0.69 -2.44
N TYR B 392 -5.65 -1.06 -1.16
CA TYR B 392 -5.17 -0.20 -0.10
C TYR B 392 -3.69 -0.43 0.17
N ARG B 393 -3.05 -1.28 -0.63
CA ARG B 393 -1.66 -1.65 -0.43
C ARG B 393 -0.67 -0.53 -0.75
N ARG B 394 0.26 -0.33 0.18
CA ARG B 394 1.29 0.69 0.13
C ARG B 394 2.69 0.09 0.07
N GLY B 395 3.65 1.01 0.00
CA GLY B 395 5.04 0.69 0.01
C GLY B 395 5.69 1.64 1.01
N PHE B 396 6.92 1.31 1.41
CA PHE B 396 7.64 2.14 2.39
C PHE B 396 9.13 1.86 2.29
N ILE B 397 9.92 2.74 2.89
CA ILE B 397 11.37 2.61 2.90
C ILE B 397 11.78 2.46 4.36
N HIS B 398 12.16 1.25 4.75
CA HIS B 398 12.57 0.98 6.12
C HIS B 398 13.93 0.30 6.08
N ASN B 399 14.88 0.83 6.88
CA ASN B 399 16.27 0.35 7.01
C ASN B 399 17.00 0.33 5.67
N GLY B 400 16.70 1.30 4.81
CA GLY B 400 17.32 1.35 3.51
C GLY B 400 16.75 0.37 2.51
N ILE B 401 15.61 -0.25 2.80
CA ILE B 401 14.97 -1.22 1.91
C ILE B 401 13.69 -0.63 1.38
N MET B 402 13.63 -0.41 0.08
CA MET B 402 12.42 0.12 -0.55
C MET B 402 11.38 -0.97 -0.74
N VAL B 403 10.53 -1.17 0.26
CA VAL B 403 9.47 -2.17 0.25
C VAL B 403 8.39 -1.74 -0.72
N LEU B 404 7.86 -2.69 -1.48
CA LEU B 404 6.84 -2.44 -2.47
C LEU B 404 5.59 -3.27 -2.15
N PRO B 405 4.44 -2.95 -2.72
CA PRO B 405 3.26 -3.78 -2.46
C PRO B 405 3.22 -4.96 -3.43
N ARG B 406 2.90 -6.14 -2.88
CA ARG B 406 2.81 -7.36 -3.67
C ARG B 406 1.36 -7.78 -3.81
N GLN B 407 0.96 -8.07 -5.03
CA GLN B 407 -0.39 -8.50 -5.37
C GLN B 407 -0.29 -9.80 -6.15
N THR B 408 -0.82 -10.87 -5.57
CA THR B 408 -0.78 -12.18 -6.21
C THR B 408 -1.77 -12.25 -7.36
N CYS B 409 -1.47 -13.17 -8.29
CA CYS B 409 -2.34 -13.43 -9.43
C CYS B 409 -3.21 -14.64 -9.18
N GLY B 410 -3.39 -15.01 -7.92
CA GLY B 410 -4.18 -16.16 -7.54
C GLY B 410 -3.43 -17.47 -7.56
N LEU B 411 -2.15 -17.46 -7.95
CA LEU B 411 -1.35 -18.67 -8.01
C LEU B 411 -0.64 -18.89 -6.69
N PHE B 412 -1.11 -19.89 -5.93
CA PHE B 412 -0.54 -20.24 -4.64
C PHE B 412 0.21 -21.56 -4.79
N THR B 413 0.74 -22.05 -3.66
CA THR B 413 1.51 -23.29 -3.67
C THR B 413 0.62 -24.53 -3.67
N HIS B 414 -0.70 -24.38 -3.52
CA HIS B 414 -1.59 -25.53 -3.52
C HIS B 414 -2.10 -25.84 -4.92
N THR B 415 -1.69 -25.06 -5.91
CA THR B 415 -2.16 -25.21 -7.28
C THR B 415 -1.23 -26.22 -7.97
N ILE B 416 -1.78 -27.38 -8.34
CA ILE B 416 -0.99 -28.41 -8.99
C ILE B 416 -1.38 -28.56 -10.46
N PHE B 417 -2.66 -28.78 -10.73
CA PHE B 417 -3.19 -28.98 -12.08
C PHE B 417 -4.08 -27.80 -12.46
N TYR B 418 -4.74 -27.96 -13.61
CA TYR B 418 -5.68 -26.96 -14.09
C TYR B 418 -6.97 -27.06 -13.30
N ASN B 419 -7.33 -28.29 -12.89
CA ASN B 419 -8.55 -28.53 -12.11
C ASN B 419 -8.24 -28.57 -10.62
N GLU B 420 -6.96 -28.54 -10.24
CA GLU B 420 -6.60 -28.57 -8.83
C GLU B 420 -6.41 -27.16 -8.28
N TYR B 421 -6.75 -26.15 -9.08
CA TYR B 421 -6.65 -24.75 -8.68
C TYR B 421 -7.73 -24.45 -7.65
N PRO B 422 -7.45 -23.59 -6.64
CA PRO B 422 -8.51 -23.26 -5.68
C PRO B 422 -9.49 -22.29 -6.30
N GLY B 423 -10.66 -22.80 -6.69
CA GLY B 423 -11.70 -22.00 -7.30
C GLY B 423 -12.09 -22.43 -8.70
N GLY B 424 -11.44 -23.44 -9.27
CA GLY B 424 -11.75 -23.91 -10.60
C GLY B 424 -10.91 -23.24 -11.67
N SER B 425 -11.05 -23.73 -12.90
CA SER B 425 -10.29 -23.21 -14.03
C SER B 425 -10.74 -21.81 -14.44
N SER B 426 -11.98 -21.44 -14.12
CA SER B 426 -12.47 -20.12 -14.47
C SER B 426 -12.01 -19.07 -13.46
N GLU B 427 -11.49 -19.51 -12.31
CA GLU B 427 -11.03 -18.57 -11.30
C GLU B 427 -9.72 -17.91 -11.71
N LEU B 428 -8.84 -18.68 -12.37
CA LEU B 428 -7.57 -18.12 -12.83
C LEU B 428 -7.80 -17.19 -14.03
N ASP B 429 -8.77 -17.55 -14.89
CA ASP B 429 -9.10 -16.74 -16.05
C ASP B 429 -9.77 -15.43 -15.64
N LYS B 430 -10.38 -15.41 -14.45
CA LYS B 430 -10.97 -14.19 -13.90
C LYS B 430 -9.87 -13.20 -13.57
N ILE B 431 -8.74 -13.72 -13.06
CA ILE B 431 -7.58 -12.88 -12.76
C ILE B 431 -6.93 -12.41 -14.06
N ILE B 432 -6.91 -13.28 -15.08
CA ILE B 432 -6.33 -12.91 -16.37
C ILE B 432 -7.19 -11.88 -17.11
N ASN B 433 -8.49 -12.16 -17.23
CA ASN B 433 -9.39 -11.26 -17.95
C ASN B 433 -9.98 -10.18 -17.03
N GLY B 434 -9.10 -9.38 -16.45
CA GLY B 434 -9.54 -8.28 -15.62
C GLY B 434 -9.56 -8.44 -14.11
N GLY B 435 -8.71 -9.27 -13.54
CA GLY B 435 -8.68 -9.41 -12.09
C GLY B 435 -7.60 -8.56 -11.48
N GLU B 436 -6.98 -9.10 -10.41
CA GLU B 436 -5.90 -8.48 -9.62
C GLU B 436 -4.68 -8.12 -10.45
N LEU B 437 -4.45 -8.90 -11.49
CA LEU B 437 -3.37 -8.71 -12.44
C LEU B 437 -3.50 -7.36 -13.17
N PHE B 438 -4.69 -7.11 -13.71
CA PHE B 438 -4.92 -5.86 -14.44
C PHE B 438 -5.02 -4.67 -13.50
N LEU B 439 -5.54 -4.87 -12.26
CA LEU B 439 -5.60 -3.78 -11.28
C LEU B 439 -4.21 -3.36 -10.85
N THR B 440 -3.32 -4.33 -10.65
CA THR B 440 -1.95 -4.08 -10.24
C THR B 440 -1.17 -3.36 -11.34
N VAL B 441 -1.41 -3.71 -12.59
CA VAL B 441 -0.67 -3.02 -13.64
C VAL B 441 -1.35 -1.75 -14.12
N LEU B 442 -2.59 -1.48 -13.69
CA LEU B 442 -3.31 -0.28 -14.13
C LEU B 442 -3.37 0.83 -13.09
N LEU B 443 -3.83 0.55 -11.86
CA LEU B 443 -3.90 1.64 -10.90
C LEU B 443 -2.56 1.95 -10.26
N ASN B 444 -1.61 1.04 -10.34
CA ASN B 444 -0.31 1.24 -9.77
C ASN B 444 0.66 1.20 -10.95
N PRO B 445 1.55 2.18 -11.10
CA PRO B 445 2.49 2.15 -12.24
C PRO B 445 3.56 1.08 -12.13
N ILE B 446 3.79 0.54 -10.94
CA ILE B 446 4.78 -0.49 -10.69
C ILE B 446 4.05 -1.76 -10.29
N SER B 447 4.49 -2.90 -10.84
CA SER B 447 3.81 -4.15 -10.53
C SER B 447 4.76 -5.26 -10.10
N ILE B 448 4.30 -6.00 -9.09
CA ILE B 448 4.98 -7.13 -8.48
C ILE B 448 3.97 -8.27 -8.47
N PHE B 449 4.40 -9.49 -8.85
CA PHE B 449 3.41 -10.56 -8.87
C PHE B 449 3.90 -11.77 -8.07
N MET B 450 2.96 -12.62 -7.66
CA MET B 450 3.25 -13.79 -6.84
C MET B 450 2.74 -15.07 -7.49
N THR B 451 3.66 -16.02 -7.72
CA THR B 451 3.40 -17.33 -8.29
C THR B 451 4.55 -18.24 -7.87
N HIS B 452 4.37 -19.55 -7.96
CA HIS B 452 5.39 -20.49 -7.51
C HIS B 452 5.77 -21.50 -8.59
N LEU B 453 6.67 -22.43 -8.25
CA LEU B 453 7.13 -23.47 -9.18
C LEU B 453 6.04 -24.46 -9.53
N SER B 454 5.11 -24.69 -8.60
CA SER B 454 4.04 -25.65 -8.80
C SER B 454 3.01 -25.23 -9.87
N ASN B 455 3.02 -23.95 -10.30
CA ASN B 455 2.17 -23.47 -11.38
C ASN B 455 2.92 -23.46 -12.70
N TYR B 456 4.09 -24.11 -12.75
CA TYR B 456 4.99 -24.16 -13.90
C TYR B 456 5.44 -25.57 -14.23
N GLY B 457 4.96 -26.55 -13.48
CA GLY B 457 5.35 -27.91 -13.66
C GLY B 457 4.39 -28.81 -14.41
N ASN B 458 3.53 -29.46 -13.62
CA ASN B 458 2.56 -30.44 -14.10
C ASN B 458 1.55 -29.92 -15.13
N ASP B 459 1.21 -28.62 -15.09
CA ASP B 459 0.22 -28.15 -16.04
C ASP B 459 0.51 -26.80 -16.71
N ARG B 460 1.58 -26.10 -16.30
CA ARG B 460 2.02 -24.79 -16.83
C ARG B 460 0.93 -23.72 -16.70
N LEU B 461 0.55 -23.43 -15.44
CA LEU B 461 -0.49 -22.44 -15.17
C LEU B 461 0.00 -21.02 -15.38
N GLY B 462 1.20 -20.72 -14.88
CA GLY B 462 1.73 -19.38 -14.97
C GLY B 462 2.16 -18.97 -16.37
N LEU B 463 2.51 -19.94 -17.22
CA LEU B 463 2.90 -19.66 -18.61
C LEU B 463 1.71 -19.12 -19.39
N TYR B 464 0.59 -19.84 -19.32
CA TYR B 464 -0.66 -19.42 -19.97
C TYR B 464 -1.20 -18.14 -19.35
N THR B 465 -1.13 -18.06 -18.02
CA THR B 465 -1.61 -16.89 -17.27
C THR B 465 -0.83 -15.62 -17.59
N PHE B 466 0.50 -15.69 -17.51
CA PHE B 466 1.33 -14.51 -17.73
C PHE B 466 1.43 -14.16 -19.22
N LYS B 467 1.33 -15.16 -20.11
CA LYS B 467 1.38 -14.94 -21.55
C LYS B 467 0.12 -14.23 -22.00
N HIS B 468 -1.04 -14.70 -21.50
CA HIS B 468 -2.32 -14.07 -21.83
C HIS B 468 -2.42 -12.70 -21.16
N LEU B 469 -1.80 -12.54 -19.99
CA LEU B 469 -1.74 -11.25 -19.29
C LEU B 469 -0.96 -10.21 -20.08
N VAL B 470 0.24 -10.57 -20.50
CA VAL B 470 1.11 -9.64 -21.20
C VAL B 470 0.58 -9.38 -22.62
N ARG B 471 -0.19 -10.34 -23.16
CA ARG B 471 -0.87 -10.15 -24.44
C ARG B 471 -1.99 -9.14 -24.27
N PHE B 472 -2.69 -9.22 -23.12
CA PHE B 472 -3.76 -8.28 -22.74
C PHE B 472 -3.20 -6.88 -22.53
N LEU B 473 -1.95 -6.80 -22.03
CA LEU B 473 -1.34 -5.48 -21.79
C LEU B 473 -0.95 -4.81 -23.09
N HIS B 474 -0.40 -5.56 -24.05
CA HIS B 474 -0.10 -4.90 -25.33
C HIS B 474 -1.34 -4.81 -26.21
N SER B 475 -2.43 -5.49 -25.84
CA SER B 475 -3.64 -5.39 -26.64
C SER B 475 -4.58 -4.35 -26.05
N TRP B 476 -4.27 -3.81 -24.86
CA TRP B 476 -5.16 -2.81 -24.27
C TRP B 476 -4.47 -1.59 -23.65
N THR B 477 -3.14 -1.45 -23.74
CA THR B 477 -2.47 -0.29 -23.13
C THR B 477 -1.38 0.32 -24.02
N ASN B 478 -1.36 1.67 -24.11
CA ASN B 478 -0.33 2.44 -24.84
C ASN B 478 0.95 2.59 -24.03
N LEU B 479 0.91 2.22 -22.77
CA LEU B 479 2.02 2.34 -21.83
C LEU B 479 3.25 1.55 -22.23
N ARG B 480 4.33 2.30 -22.47
CA ARG B 480 5.63 1.77 -22.83
C ARG B 480 6.14 1.13 -21.56
N LEU B 481 6.00 -0.19 -21.51
CA LEU B 481 6.33 -0.99 -20.35
C LEU B 481 7.65 -1.73 -20.56
N GLN B 482 8.55 -1.65 -19.58
CA GLN B 482 9.83 -2.35 -19.70
C GLN B 482 10.12 -3.06 -18.38
N THR B 483 10.39 -4.37 -18.46
CA THR B 483 10.74 -5.13 -17.28
C THR B 483 12.24 -4.97 -17.10
N LEU B 484 12.61 -4.11 -16.16
CA LEU B 484 13.95 -3.67 -15.83
C LEU B 484 14.26 -4.21 -14.43
N PRO B 485 15.53 -4.13 -13.96
CA PRO B 485 15.90 -4.62 -12.58
C PRO B 485 15.12 -3.95 -11.46
N PRO B 486 14.91 -4.65 -10.33
CA PRO B 486 14.09 -4.09 -9.24
C PRO B 486 14.58 -2.83 -8.54
N VAL B 487 15.86 -2.47 -8.64
CA VAL B 487 16.41 -1.28 -7.96
C VAL B 487 15.81 0.01 -8.52
N GLN B 488 15.89 0.21 -9.84
CA GLN B 488 15.30 1.43 -10.40
C GLN B 488 13.78 1.30 -10.53
N LEU B 489 13.27 0.06 -10.44
CA LEU B 489 11.83 -0.21 -10.42
C LEU B 489 11.23 0.32 -9.12
N ALA B 490 11.99 0.19 -8.03
CA ALA B 490 11.57 0.70 -6.73
C ALA B 490 11.83 2.20 -6.65
N GLN B 491 12.90 2.64 -7.32
CA GLN B 491 13.25 4.05 -7.37
C GLN B 491 12.17 4.84 -8.10
N LYS B 492 11.63 4.27 -9.18
CA LYS B 492 10.55 4.91 -9.93
C LYS B 492 9.26 4.88 -9.12
N TYR B 493 9.09 3.87 -8.26
CA TYR B 493 7.93 3.77 -7.38
C TYR B 493 7.95 4.90 -6.37
N PHE B 494 9.15 5.28 -5.91
CA PHE B 494 9.19 6.37 -4.95
C PHE B 494 9.32 7.74 -5.61
N GLN B 495 9.71 7.85 -6.89
CA GLN B 495 9.67 9.17 -7.53
C GLN B 495 8.24 9.49 -7.93
N ILE B 496 7.46 8.47 -8.30
CA ILE B 496 6.05 8.67 -8.65
C ILE B 496 5.25 8.94 -7.39
N PHE B 497 5.43 8.10 -6.36
CA PHE B 497 4.70 8.24 -5.10
C PHE B 497 5.64 8.89 -4.08
N SER B 498 5.46 10.20 -3.88
CA SER B 498 6.30 10.93 -2.94
C SER B 498 5.78 10.84 -1.51
N GLU B 499 4.46 10.83 -1.33
CA GLU B 499 3.90 10.74 0.02
C GLU B 499 3.89 9.31 0.54
N GLU B 500 4.14 8.33 -0.34
CA GLU B 500 4.19 6.94 0.11
C GLU B 500 5.58 6.54 0.55
N LYS B 501 6.52 7.49 0.60
CA LYS B 501 7.89 7.23 1.02
C LYS B 501 7.90 6.95 2.52
N ASP B 502 7.07 7.67 3.26
CA ASP B 502 6.97 7.46 4.69
C ASP B 502 6.08 6.27 5.03
N PRO B 503 6.33 5.55 6.12
CA PRO B 503 5.47 4.42 6.46
C PRO B 503 4.27 4.85 7.29
N LEU B 504 3.44 3.87 7.63
CA LEU B 504 2.24 4.09 8.44
C LEU B 504 2.00 2.81 9.21
N TRP B 505 2.40 2.80 10.49
CA TRP B 505 2.28 1.61 11.33
C TRP B 505 0.87 1.45 11.91
N GLN B 506 0.50 0.18 12.14
CA GLN B 506 -0.79 -0.17 12.72
C GLN B 506 -0.55 -1.13 13.88
N ASP B 507 -1.63 -1.45 14.58
CA ASP B 507 -1.59 -2.36 15.72
C ASP B 507 -1.58 -3.81 15.25
N PRO B 508 -0.61 -4.62 15.67
CA PRO B 508 -0.58 -6.03 15.22
C PRO B 508 -1.61 -6.92 15.88
N CYS B 509 -2.21 -6.50 16.99
CA CYS B 509 -3.16 -7.36 17.68
C CYS B 509 -4.57 -7.24 17.12
N GLU B 510 -4.85 -6.20 16.33
CA GLU B 510 -6.20 -6.06 15.78
C GLU B 510 -6.42 -7.02 14.62
N ASP B 511 -5.37 -7.29 13.85
CA ASP B 511 -5.43 -8.21 12.72
C ASP B 511 -4.86 -9.53 13.24
N LYS B 512 -5.67 -10.61 13.16
CA LYS B 512 -5.20 -11.91 13.62
C LYS B 512 -4.18 -12.50 12.65
N ARG B 513 -4.28 -12.11 11.37
CA ARG B 513 -3.33 -12.57 10.37
C ARG B 513 -1.98 -11.93 10.61
N HIS B 514 -1.98 -10.65 11.04
CA HIS B 514 -0.73 -9.97 11.35
C HIS B 514 -0.13 -10.52 12.63
N LYS B 515 -0.98 -11.00 13.55
CA LYS B 515 -0.49 -11.58 14.79
C LYS B 515 0.15 -12.93 14.51
N ASP B 516 -0.40 -13.68 13.54
CA ASP B 516 0.20 -14.96 13.18
C ASP B 516 1.47 -14.75 12.37
N ILE B 517 1.53 -13.67 11.59
CA ILE B 517 2.71 -13.36 10.78
C ILE B 517 3.85 -12.87 11.68
N TRP B 518 3.55 -12.07 12.69
CA TRP B 518 4.54 -11.56 13.63
C TRP B 518 5.02 -12.67 14.55
N SER B 519 6.22 -12.47 15.13
CA SER B 519 6.83 -13.43 16.03
C SER B 519 6.05 -13.54 17.34
N LYS B 520 6.00 -14.76 17.88
CA LYS B 520 5.28 -15.02 19.12
C LYS B 520 6.13 -14.80 20.36
N GLU B 521 7.39 -14.35 20.20
CA GLU B 521 8.24 -14.10 21.35
C GLU B 521 7.81 -12.85 22.10
N LYS B 522 7.47 -11.78 21.37
CA LYS B 522 7.03 -10.53 21.96
C LYS B 522 5.60 -10.64 22.47
N THR B 523 5.21 -9.68 23.31
CA THR B 523 3.87 -9.65 23.88
C THR B 523 2.92 -8.88 22.97
N CYS B 524 1.75 -8.50 23.48
CA CYS B 524 0.75 -7.81 22.67
C CYS B 524 0.20 -6.53 23.30
N ASP B 525 0.23 -6.43 24.64
CA ASP B 525 -0.35 -5.26 25.29
C ASP B 525 0.63 -4.19 25.76
N ARG B 526 1.68 -3.90 24.99
CA ARG B 526 2.62 -2.86 25.37
C ARG B 526 2.19 -1.47 24.91
N PHE B 527 1.08 -1.38 24.19
CA PHE B 527 0.58 -0.10 23.69
C PHE B 527 -0.05 0.71 24.82
N PRO B 528 0.18 2.03 24.84
CA PRO B 528 -0.41 2.87 25.89
C PRO B 528 -1.89 3.11 25.62
N LYS B 529 -2.58 3.67 26.62
CA LYS B 529 -4.00 3.95 26.46
C LYS B 529 -4.35 5.42 26.63
N LEU B 530 -3.39 6.25 27.02
CA LEU B 530 -3.56 7.69 27.19
C LEU B 530 -2.50 8.40 26.39
N LEU B 531 -2.86 9.54 25.79
CA LEU B 531 -1.94 10.33 24.98
C LEU B 531 -1.90 11.75 25.50
N ILE B 532 -0.71 12.32 25.59
CA ILE B 532 -0.55 13.70 26.02
C ILE B 532 0.08 14.43 24.83
N ILE B 533 -0.74 15.22 24.13
CA ILE B 533 -0.27 15.90 22.93
C ILE B 533 0.37 17.24 23.25
N GLY B 534 0.01 17.83 24.38
CA GLY B 534 0.58 19.11 24.76
C GLY B 534 -0.38 20.27 24.72
N PRO B 535 0.10 21.47 24.31
CA PRO B 535 1.47 21.85 23.87
C PRO B 535 2.45 22.07 25.01
N GLN B 536 3.62 22.64 24.77
CA GLN B 536 4.51 22.86 25.90
C GLN B 536 4.13 24.14 26.62
N LYS B 537 4.68 24.26 27.84
CA LYS B 537 4.52 25.39 28.76
C LYS B 537 3.05 25.66 29.12
N THR B 538 2.32 24.59 29.45
CA THR B 538 0.92 24.70 29.84
C THR B 538 0.54 23.83 31.03
N GLY B 539 1.43 22.99 31.54
CA GLY B 539 1.15 22.12 32.68
C GLY B 539 1.07 20.65 32.38
N THR B 540 1.66 20.19 31.27
CA THR B 540 1.60 18.77 30.92
C THR B 540 2.47 17.91 31.83
N THR B 541 3.57 18.48 32.35
CA THR B 541 4.44 17.72 33.24
C THR B 541 3.80 17.54 34.61
N ALA B 542 3.00 18.54 35.03
CA ALA B 542 2.28 18.46 36.30
C ALA B 542 1.18 17.41 36.24
N LEU B 543 0.45 17.37 35.12
CA LEU B 543 -0.61 16.39 34.96
C LEU B 543 -0.02 15.00 34.70
N TYR B 544 1.19 14.95 34.13
CA TYR B 544 1.86 13.67 33.87
C TYR B 544 2.40 13.07 35.16
N LEU B 545 3.05 13.89 35.99
CA LEU B 545 3.62 13.42 37.24
C LEU B 545 2.55 13.19 38.30
N PHE B 546 1.42 13.89 38.18
CA PHE B 546 0.36 13.72 39.16
C PHE B 546 -0.55 12.56 38.81
N LEU B 547 -0.41 12.01 37.59
CA LEU B 547 -1.21 10.84 37.22
C LEU B 547 -0.37 9.57 37.36
N GLY B 548 0.91 9.74 37.69
CA GLY B 548 1.77 8.59 37.87
C GLY B 548 1.73 8.05 39.28
N MET B 549 1.15 8.82 40.21
CA MET B 549 1.06 8.37 41.60
C MET B 549 -0.21 7.56 41.82
N HIS B 550 -1.04 7.45 40.80
CA HIS B 550 -2.28 6.67 40.87
C HIS B 550 -1.92 5.18 40.86
N PRO B 551 -2.60 4.35 41.66
CA PRO B 551 -2.23 2.91 41.68
C PRO B 551 -2.64 2.15 40.43
N ASP B 552 -3.71 2.57 39.75
CA ASP B 552 -4.15 1.88 38.55
C ASP B 552 -3.57 2.50 37.28
N LEU B 553 -2.71 3.50 37.40
CA LEU B 553 -2.13 4.17 36.25
C LEU B 553 -0.61 4.08 36.34
N SER B 554 0.04 3.75 35.23
CA SER B 554 1.50 3.63 35.21
C SER B 554 2.07 4.43 34.05
N SER B 555 3.32 4.87 34.22
CA SER B 555 4.01 5.67 33.23
C SER B 555 4.94 4.82 32.37
N ASN B 556 5.73 5.50 31.54
CA ASN B 556 6.68 4.88 30.63
C ASN B 556 8.11 5.10 31.12
N TYR B 557 9.04 4.51 30.39
CA TYR B 557 10.46 4.66 30.71
C TYR B 557 10.96 6.01 30.21
N PRO B 558 11.72 6.76 31.00
CA PRO B 558 12.22 8.06 30.53
C PRO B 558 13.37 7.88 29.54
N SER B 559 13.40 8.74 28.52
CA SER B 559 14.44 8.68 27.51
C SER B 559 15.71 9.35 28.00
N SER B 560 16.76 9.26 27.17
CA SER B 560 18.04 9.86 27.53
C SER B 560 18.10 11.34 27.17
N GLU B 561 17.67 11.69 25.96
CA GLU B 561 17.69 13.07 25.49
C GLU B 561 16.35 13.77 25.65
N THR B 562 15.27 13.19 25.13
CA THR B 562 13.95 13.80 25.23
C THR B 562 13.31 13.62 26.60
N PHE B 563 13.84 12.69 27.43
CA PHE B 563 13.40 12.35 28.79
C PHE B 563 11.95 11.90 28.80
N GLU B 564 10.99 12.73 29.23
CA GLU B 564 9.59 12.31 29.26
C GLU B 564 8.98 12.24 27.86
N GLU B 565 9.53 12.99 26.91
CA GLU B 565 9.02 12.92 25.55
C GLU B 565 9.58 11.66 24.87
N ILE B 566 8.90 11.22 23.83
CA ILE B 566 9.34 10.02 23.13
C ILE B 566 9.69 10.50 21.71
N GLN B 567 8.96 11.55 21.29
CA GLN B 567 9.09 12.29 20.01
C GLN B 567 8.96 11.34 18.82
N PHE B 568 7.98 10.44 18.88
CA PHE B 568 7.81 9.39 17.87
C PHE B 568 6.94 9.80 16.68
N PHE B 569 5.66 10.12 16.93
CA PHE B 569 4.71 10.39 15.86
C PHE B 569 4.93 11.71 15.11
N ASN B 570 5.54 12.71 15.75
CA ASN B 570 5.69 14.00 15.07
C ASN B 570 6.99 14.14 14.28
N GLY B 571 8.03 13.39 14.63
CA GLY B 571 9.31 13.52 13.96
C GLY B 571 9.67 12.36 13.06
N HIS B 572 10.97 12.17 12.90
CA HIS B 572 11.53 11.11 12.07
C HIS B 572 11.69 9.79 12.84
N ASN B 573 11.26 9.76 14.10
CA ASN B 573 11.35 8.54 14.89
C ASN B 573 10.29 7.51 14.49
N TYR B 574 9.28 7.93 13.73
CA TYR B 574 8.22 7.07 13.21
C TYR B 574 8.72 6.11 12.14
N HIS B 575 9.89 6.39 11.56
CA HIS B 575 10.51 5.55 10.54
C HIS B 575 11.44 4.51 11.17
N LYS B 576 11.27 4.20 12.46
CA LYS B 576 12.11 3.23 13.16
C LYS B 576 11.41 1.91 13.44
N GLY B 577 10.11 1.79 13.20
CA GLY B 577 9.43 0.54 13.41
C GLY B 577 8.44 0.58 14.56
N ILE B 578 7.57 -0.44 14.59
CA ILE B 578 6.57 -0.58 15.63
C ILE B 578 7.22 -1.06 16.92
N ASP B 579 8.30 -1.84 16.80
CA ASP B 579 8.99 -2.36 17.97
C ASP B 579 9.83 -1.28 18.67
N TRP B 580 10.10 -0.17 17.97
CA TRP B 580 10.86 0.93 18.55
C TRP B 580 10.03 1.64 19.61
N TYR B 581 8.72 1.74 19.37
CA TYR B 581 7.81 2.37 20.30
C TYR B 581 7.55 1.47 21.51
N MET B 582 7.58 0.14 21.31
CA MET B 582 7.36 -0.81 22.40
C MET B 582 8.54 -0.90 23.37
N GLU B 583 9.72 -0.39 22.97
CA GLU B 583 10.89 -0.43 23.84
C GLU B 583 10.73 0.52 25.03
N PHE B 584 10.07 1.65 24.81
CA PHE B 584 9.84 2.64 25.85
C PHE B 584 8.81 2.21 26.88
N PHE B 585 7.95 1.23 26.58
CA PHE B 585 6.95 0.82 27.55
C PHE B 585 7.34 -0.50 28.22
N PRO B 586 7.00 -0.69 29.49
CA PRO B 586 7.35 -1.95 30.17
C PRO B 586 6.52 -3.14 29.70
N ILE B 587 7.02 -4.32 30.02
CA ILE B 587 6.38 -5.59 29.66
C ILE B 587 5.13 -5.78 30.51
N PRO B 588 3.99 -6.21 29.93
CA PRO B 588 2.78 -6.40 30.75
C PRO B 588 2.83 -7.60 31.68
N SER B 589 3.77 -8.53 31.47
CA SER B 589 3.86 -9.69 32.35
C SER B 589 4.73 -9.39 33.57
N ASN B 590 5.79 -8.60 33.38
CA ASN B 590 6.68 -8.26 34.49
C ASN B 590 6.05 -7.22 35.42
N THR B 591 5.38 -6.21 34.86
CA THR B 591 4.75 -5.17 35.65
C THR B 591 3.28 -5.53 35.89
N THR B 592 2.78 -5.17 37.06
CA THR B 592 1.38 -5.47 37.40
C THR B 592 0.41 -4.56 36.66
N SER B 593 0.73 -3.28 36.53
CA SER B 593 -0.14 -2.34 35.85
C SER B 593 0.06 -2.41 34.35
N ASP B 594 -1.05 -2.45 33.61
CA ASP B 594 -1.01 -2.50 32.15
C ASP B 594 -1.32 -1.17 31.48
N PHE B 595 -1.80 -0.17 32.23
CA PHE B 595 -2.11 1.13 31.67
C PHE B 595 -0.81 1.92 31.52
N TYR B 596 -0.59 2.48 30.34
CA TYR B 596 0.62 3.25 30.08
C TYR B 596 0.27 4.58 29.41
N PHE B 597 1.19 5.54 29.50
CA PHE B 597 1.05 6.84 28.89
C PHE B 597 2.42 7.50 28.77
N GLU B 598 2.50 8.53 27.95
CA GLU B 598 3.73 9.29 27.74
C GLU B 598 3.38 10.74 27.48
N LYS B 599 4.26 11.63 27.93
CA LYS B 599 4.08 13.07 27.79
C LYS B 599 5.00 13.59 26.70
N SER B 600 4.49 13.66 25.49
CA SER B 600 5.23 14.18 24.34
C SER B 600 4.45 15.43 23.94
N ALA B 601 4.79 16.55 24.58
CA ALA B 601 4.09 17.81 24.40
C ALA B 601 4.35 18.51 23.07
N ASN B 602 5.29 18.07 22.24
CA ASN B 602 5.50 18.72 20.95
C ASN B 602 4.64 18.13 19.85
N TYR B 603 3.65 17.30 20.22
CA TYR B 603 2.74 16.68 19.27
C TYR B 603 1.62 17.63 18.85
N PHE B 604 1.45 18.72 19.61
CA PHE B 604 0.42 19.70 19.30
C PHE B 604 0.80 20.49 18.05
N ASP B 605 2.06 20.91 17.95
CA ASP B 605 2.56 21.65 16.80
C ASP B 605 3.12 20.70 15.75
N SER B 606 2.22 19.89 15.17
CA SER B 606 2.59 18.93 14.16
C SER B 606 1.38 18.62 13.29
N GLU B 607 1.64 18.15 12.08
CA GLU B 607 0.61 17.81 11.11
C GLU B 607 0.57 16.31 10.82
N VAL B 608 1.73 15.67 10.75
CA VAL B 608 1.78 14.23 10.46
C VAL B 608 1.41 13.40 11.68
N ALA B 609 1.67 13.90 12.89
CA ALA B 609 1.40 13.21 14.16
C ALA B 609 -0.03 12.73 14.47
N PRO B 610 -1.17 13.48 14.17
CA PRO B 610 -2.49 12.90 14.49
C PRO B 610 -2.89 11.70 13.63
N ARG B 611 -2.53 11.73 12.35
CA ARG B 611 -2.86 10.63 11.44
C ARG B 611 -2.06 9.38 11.80
N ARG B 612 -0.78 9.57 12.14
CA ARG B 612 0.08 8.45 12.53
C ARG B 612 -0.34 7.89 13.88
N ALA B 613 -0.77 8.77 14.79
CA ALA B 613 -1.22 8.34 16.12
C ALA B 613 -2.55 7.60 16.02
N ALA B 614 -3.41 8.03 15.08
CA ALA B 614 -4.69 7.35 14.89
C ALA B 614 -4.49 6.03 14.16
N ALA B 615 -3.45 5.95 13.32
CA ALA B 615 -3.18 4.71 12.60
C ALA B 615 -2.58 3.66 13.51
N LEU B 616 -1.65 4.05 14.39
CA LEU B 616 -1.06 3.06 15.29
C LEU B 616 -1.95 2.79 16.50
N LEU B 617 -2.52 3.83 17.10
CA LEU B 617 -3.35 3.70 18.29
C LEU B 617 -4.72 4.34 18.09
N PRO B 618 -5.69 3.59 17.54
CA PRO B 618 -7.02 4.18 17.32
C PRO B 618 -7.86 4.32 18.58
N LYS B 619 -7.54 3.60 19.67
CA LYS B 619 -8.32 3.71 20.90
C LYS B 619 -7.61 4.48 22.01
N ALA B 620 -6.45 5.07 21.74
CA ALA B 620 -5.73 5.82 22.77
C ALA B 620 -6.34 7.21 22.88
N LYS B 621 -6.87 7.51 24.06
CA LYS B 621 -7.48 8.80 24.33
C LYS B 621 -6.40 9.86 24.49
N VAL B 622 -6.70 11.07 24.01
CA VAL B 622 -5.75 12.18 24.05
C VAL B 622 -6.11 13.13 25.18
N LEU B 623 -5.16 14.00 25.53
CA LEU B 623 -5.33 14.97 26.59
C LEU B 623 -4.52 16.22 26.28
N THR B 624 -5.21 17.37 26.27
CA THR B 624 -4.55 18.64 25.99
C THR B 624 -5.00 19.70 26.99
N ILE B 625 -4.05 20.55 27.39
CA ILE B 625 -4.27 21.62 28.35
C ILE B 625 -3.97 22.95 27.64
N LEU B 626 -4.81 23.95 27.89
CA LEU B 626 -4.67 25.26 27.27
C LEU B 626 -4.64 26.36 28.30
N ILE B 627 -3.79 27.36 28.08
CA ILE B 627 -3.65 28.54 28.93
C ILE B 627 -3.73 29.71 27.96
N ASN B 628 -3.49 30.93 28.45
CA ASN B 628 -3.48 32.16 27.68
C ASN B 628 -2.36 32.09 26.64
N PRO B 629 -2.63 32.35 25.34
CA PRO B 629 -1.57 32.24 24.34
C PRO B 629 -0.50 33.31 24.44
N ALA B 630 -0.82 34.44 25.08
CA ALA B 630 0.19 35.47 25.30
C ALA B 630 1.15 35.01 26.38
N ASP B 631 0.59 34.42 27.45
CA ASP B 631 1.40 33.89 28.54
C ASP B 631 2.13 32.63 28.10
N ARG B 632 1.51 31.82 27.23
CA ARG B 632 2.17 30.61 26.74
C ARG B 632 3.28 30.97 25.76
N ALA B 633 3.07 32.02 24.96
CA ALA B 633 4.07 32.48 24.01
C ALA B 633 5.25 33.10 24.75
N TYR B 634 4.97 33.82 25.84
CA TYR B 634 6.04 34.41 26.64
C TYR B 634 6.74 33.32 27.44
N SER B 635 6.01 32.25 27.76
CA SER B 635 6.59 31.12 28.46
C SER B 635 7.50 30.35 27.52
N TRP B 636 7.15 30.32 26.22
CA TRP B 636 8.00 29.67 25.23
C TRP B 636 9.23 30.54 24.97
N TYR B 637 9.03 31.87 25.03
CA TYR B 637 10.10 32.85 24.87
C TYR B 637 11.12 32.73 25.99
N GLN B 638 10.65 32.52 27.21
CA GLN B 638 11.57 32.36 28.32
C GLN B 638 11.97 30.91 28.51
N HIS B 639 11.31 30.01 27.76
CA HIS B 639 11.70 28.62 27.74
C HIS B 639 12.94 28.50 26.89
N GLN B 640 12.96 29.27 25.79
CA GLN B 640 14.12 29.29 24.90
C GLN B 640 15.25 30.07 25.58
N ARG B 641 14.89 31.02 26.45
CA ARG B 641 15.89 31.79 27.19
C ARG B 641 16.58 30.93 28.23
N ALA B 642 15.87 29.92 28.75
CA ALA B 642 16.45 29.01 29.72
C ALA B 642 17.16 27.86 29.02
N HIS B 643 16.88 27.66 27.73
CA HIS B 643 17.49 26.62 26.91
C HIS B 643 18.65 27.15 26.09
N ASP B 644 19.14 28.35 26.45
CA ASP B 644 20.28 29.06 25.83
C ASP B 644 20.10 29.32 24.34
N ASP B 645 18.90 29.69 23.94
CA ASP B 645 18.66 30.03 22.54
C ASP B 645 19.03 31.50 22.38
N PRO B 646 19.98 31.85 21.50
CA PRO B 646 20.39 33.27 21.37
C PRO B 646 19.36 34.20 20.75
N VAL B 647 18.35 33.66 20.05
CA VAL B 647 17.32 34.47 19.42
C VAL B 647 16.43 35.11 20.48
N ALA B 648 16.14 34.37 21.56
CA ALA B 648 15.34 34.93 22.64
C ALA B 648 16.20 35.84 23.52
N LEU B 649 17.49 35.55 23.61
CA LEU B 649 18.43 36.33 24.41
C LEU B 649 18.69 37.71 23.83
N LYS B 650 18.84 37.82 22.51
CA LYS B 650 19.13 39.12 21.91
C LYS B 650 17.88 39.93 21.56
N TYR B 651 16.96 39.32 20.83
CA TYR B 651 15.76 40.01 20.40
C TYR B 651 14.69 40.14 21.48
N THR B 652 14.14 41.35 21.60
CA THR B 652 13.06 41.58 22.55
C THR B 652 11.76 41.04 21.96
N PHE B 653 10.90 40.54 22.85
CA PHE B 653 9.62 39.89 22.52
C PHE B 653 8.65 40.80 21.75
N HIS B 654 8.73 42.12 21.96
CA HIS B 654 7.83 43.07 21.32
C HIS B 654 8.04 43.14 19.81
N GLU B 655 9.26 42.92 19.31
CA GLU B 655 9.39 42.97 17.86
C GLU B 655 9.21 41.57 17.27
N VAL B 656 9.23 40.54 18.12
CA VAL B 656 8.98 39.18 17.66
C VAL B 656 7.50 39.02 17.36
N ILE B 657 6.65 39.66 18.17
CA ILE B 657 5.22 39.57 17.88
C ILE B 657 4.83 40.45 16.69
N THR B 658 5.66 41.43 16.32
CA THR B 658 5.38 42.30 15.18
C THR B 658 6.29 42.04 13.99
N ALA B 659 7.04 40.94 13.98
CA ALA B 659 7.95 40.65 12.88
C ALA B 659 7.19 40.24 11.62
N GLY B 660 7.73 40.61 10.47
CA GLY B 660 7.11 40.30 9.19
C GLY B 660 7.99 39.50 8.25
N SER B 661 7.89 39.81 6.95
CA SER B 661 8.68 39.10 5.95
C SER B 661 10.12 39.58 5.94
N ASP B 662 10.35 40.86 6.21
CA ASP B 662 11.70 41.43 6.22
C ASP B 662 12.33 41.21 7.60
N ALA B 663 12.81 39.98 7.80
CA ALA B 663 13.44 39.59 9.05
C ALA B 663 14.47 38.50 8.78
N SER B 664 15.24 38.17 9.82
CA SER B 664 16.25 37.14 9.70
C SER B 664 15.63 35.76 9.79
N SER B 665 16.43 34.74 9.47
CA SER B 665 15.93 33.37 9.50
C SER B 665 15.75 32.85 10.93
N LYS B 666 16.63 33.29 11.85
CA LYS B 666 16.53 32.85 13.24
C LYS B 666 15.34 33.49 13.94
N LEU B 667 15.07 34.76 13.63
CA LEU B 667 13.92 35.47 14.20
C LEU B 667 12.62 34.90 13.65
N ARG B 668 12.63 34.51 12.37
CA ARG B 668 11.46 33.90 11.75
C ARG B 668 11.22 32.51 12.32
N ALA B 669 12.30 31.79 12.63
CA ALA B 669 12.19 30.47 13.22
C ALA B 669 11.67 30.54 14.66
N LEU B 670 12.11 31.56 15.41
CA LEU B 670 11.65 31.75 16.78
C LEU B 670 10.18 32.19 16.79
N GLN B 671 9.78 32.95 15.78
CA GLN B 671 8.38 33.37 15.67
C GLN B 671 7.52 32.17 15.26
N ASN B 672 8.08 31.28 14.43
CA ASN B 672 7.36 30.09 14.00
C ASN B 672 7.27 29.04 15.10
N ARG B 673 8.13 29.14 16.13
CA ARG B 673 7.99 28.18 17.22
C ARG B 673 7.38 28.83 18.45
N CYS B 674 7.20 30.14 18.46
CA CYS B 674 6.63 30.88 19.58
C CYS B 674 5.20 31.35 19.37
N LEU B 675 4.88 31.95 18.22
CA LEU B 675 3.54 32.44 17.96
C LEU B 675 2.65 31.47 17.20
N VAL B 676 3.23 30.56 16.40
CA VAL B 676 2.43 29.55 15.70
C VAL B 676 1.74 28.55 16.62
N PRO B 677 2.42 27.90 17.60
CA PRO B 677 1.64 26.98 18.42
C PRO B 677 0.81 27.56 19.58
N GLY B 678 0.35 28.82 19.48
CA GLY B 678 -0.55 29.45 20.42
C GLY B 678 -1.93 29.43 19.84
N TRP B 679 -2.01 29.11 18.54
CA TRP B 679 -3.25 28.97 17.78
C TRP B 679 -3.74 27.56 18.09
N TYR B 680 -4.49 27.45 19.17
CA TYR B 680 -4.97 26.14 19.62
C TYR B 680 -6.07 25.59 18.73
N ALA B 681 -6.76 26.47 17.98
CA ALA B 681 -7.86 26.05 17.11
C ALA B 681 -7.39 25.17 15.94
N THR B 682 -6.29 25.57 15.29
CA THR B 682 -5.76 24.81 14.15
C THR B 682 -5.19 23.46 14.58
N HIS B 683 -4.50 23.44 15.72
CA HIS B 683 -3.93 22.18 16.21
C HIS B 683 -5.00 21.25 16.78
N ILE B 684 -6.08 21.81 17.34
CA ILE B 684 -7.16 20.94 17.82
C ILE B 684 -7.94 20.44 16.61
N GLU B 685 -7.97 21.22 15.51
CA GLU B 685 -8.59 20.76 14.26
C GLU B 685 -7.75 19.64 13.64
N ARG B 686 -6.42 19.68 13.86
CA ARG B 686 -5.57 18.61 13.36
C ARG B 686 -5.74 17.34 14.18
N TRP B 687 -5.74 17.49 15.52
CA TRP B 687 -5.85 16.34 16.42
C TRP B 687 -7.30 15.90 16.64
N LEU B 688 -8.26 16.61 16.06
CA LEU B 688 -9.68 16.28 16.26
C LEU B 688 -10.25 15.49 15.08
N SER B 689 -9.72 15.71 13.87
CA SER B 689 -10.18 15.01 12.69
C SER B 689 -9.76 13.54 12.65
N ALA B 690 -8.78 13.15 13.47
CA ALA B 690 -8.30 11.78 13.51
C ALA B 690 -8.77 11.00 14.73
N TYR B 691 -9.51 11.62 15.66
CA TYR B 691 -9.96 10.90 16.83
C TYR B 691 -11.41 11.23 17.15
N HIS B 692 -11.99 10.40 18.01
CA HIS B 692 -13.37 10.56 18.45
C HIS B 692 -13.40 11.72 19.45
N ALA B 693 -14.52 12.45 19.49
CA ALA B 693 -14.68 13.61 20.38
C ALA B 693 -14.69 13.22 21.86
N ASN B 694 -15.07 11.98 22.17
CA ASN B 694 -15.06 11.54 23.57
C ASN B 694 -13.63 11.23 24.03
N GLN B 695 -12.74 10.95 23.07
CA GLN B 695 -11.35 10.66 23.41
C GLN B 695 -10.60 11.95 23.73
N ILE B 696 -11.07 13.09 23.22
CA ILE B 696 -10.44 14.37 23.50
C ILE B 696 -10.93 14.88 24.84
N LEU B 697 -10.08 15.64 25.54
CA LEU B 697 -10.41 16.24 26.82
C LEU B 697 -9.57 17.49 26.94
N VAL B 698 -10.19 18.65 26.78
CA VAL B 698 -9.49 19.92 26.88
C VAL B 698 -9.61 20.39 28.33
N LEU B 699 -8.50 20.81 28.90
CA LEU B 699 -8.49 21.27 30.28
C LEU B 699 -7.93 22.68 30.37
N ASP B 700 -8.48 23.44 31.31
CA ASP B 700 -8.05 24.80 31.54
C ASP B 700 -6.79 24.73 32.42
N GLY B 701 -5.84 25.64 32.18
CA GLY B 701 -4.62 25.61 32.95
C GLY B 701 -4.71 26.34 34.28
N LYS B 702 -5.50 27.41 34.34
CA LYS B 702 -5.68 28.20 35.57
C LYS B 702 -6.41 27.38 36.64
N LEU B 703 -7.24 26.41 36.20
CA LEU B 703 -7.87 25.49 37.13
C LEU B 703 -6.83 24.55 37.72
N LEU B 704 -5.79 24.22 36.94
CA LEU B 704 -4.72 23.39 37.46
C LEU B 704 -3.83 24.20 38.39
N ARG B 705 -3.82 25.53 38.21
CA ARG B 705 -3.05 26.39 39.11
C ARG B 705 -3.77 26.62 40.44
N THR B 706 -5.07 26.88 40.39
CA THR B 706 -5.83 27.16 41.62
C THR B 706 -6.22 25.92 42.42
N GLU B 707 -7.11 25.08 41.87
CA GLU B 707 -7.58 23.86 42.52
C GLU B 707 -7.49 22.70 41.54
N PRO B 708 -6.33 22.04 41.46
CA PRO B 708 -6.19 20.97 40.47
C PRO B 708 -6.86 19.66 40.80
N ALA B 709 -7.19 19.40 42.08
CA ALA B 709 -7.78 18.13 42.51
C ALA B 709 -9.16 17.87 41.87
N LYS B 710 -9.94 18.92 41.65
CA LYS B 710 -11.24 18.75 41.01
C LYS B 710 -11.05 18.45 39.51
N VAL B 711 -9.98 19.01 38.93
CA VAL B 711 -9.64 18.74 37.53
C VAL B 711 -9.16 17.29 37.39
N MET B 712 -8.51 16.76 38.44
CA MET B 712 -8.10 15.36 38.43
C MET B 712 -9.31 14.47 38.61
N ASP B 713 -10.36 14.99 39.27
CA ASP B 713 -11.60 14.25 39.39
C ASP B 713 -12.27 14.14 38.01
N MET B 714 -12.27 15.24 37.21
CA MET B 714 -12.85 15.10 35.86
C MET B 714 -11.98 14.25 34.94
N VAL B 715 -10.65 14.21 35.15
CA VAL B 715 -9.85 13.35 34.27
C VAL B 715 -10.00 11.89 34.70
N GLN B 716 -10.39 11.64 35.96
CA GLN B 716 -10.64 10.27 36.39
C GLN B 716 -11.99 9.81 35.85
N LYS B 717 -12.96 10.73 35.73
CA LYS B 717 -14.25 10.36 35.14
C LYS B 717 -14.12 10.22 33.62
N PHE B 718 -13.18 10.95 33.03
CA PHE B 718 -12.94 10.84 31.61
C PHE B 718 -12.19 9.56 31.29
N LEU B 719 -11.27 9.16 32.17
CA LEU B 719 -10.50 7.93 32.01
C LEU B 719 -11.30 6.68 32.37
N GLY B 720 -12.12 6.72 33.41
CA GLY B 720 -12.88 5.55 33.80
C GLY B 720 -12.00 4.56 34.54
N VAL B 721 -11.33 5.02 35.59
CA VAL B 721 -10.45 4.13 36.35
C VAL B 721 -11.28 3.21 37.24
N THR B 722 -10.62 2.16 37.74
CA THR B 722 -11.31 1.19 38.59
C THR B 722 -11.43 1.69 40.03
N ASN B 723 -10.30 1.90 40.69
CA ASN B 723 -10.28 2.35 42.09
C ASN B 723 -9.93 3.83 42.01
N THR B 724 -10.91 4.69 42.29
CA THR B 724 -10.69 6.13 42.27
C THR B 724 -10.17 6.57 43.63
N ILE B 725 -9.04 7.29 43.63
CA ILE B 725 -8.45 7.77 44.87
C ILE B 725 -8.86 9.21 45.11
N ASP B 726 -8.70 9.66 46.35
CA ASP B 726 -9.05 11.02 46.75
C ASP B 726 -7.83 11.89 46.52
N TYR B 727 -7.91 12.79 45.54
CA TYR B 727 -6.79 13.67 45.25
C TYR B 727 -6.81 14.91 46.12
N HIS B 728 -7.92 15.13 46.85
CA HIS B 728 -8.02 16.29 47.72
C HIS B 728 -7.18 16.09 48.98
N LYS B 729 -7.00 14.84 49.39
CA LYS B 729 -6.23 14.46 50.56
C LYS B 729 -4.74 14.31 50.24
N THR B 730 -4.43 13.73 49.07
CA THR B 730 -3.03 13.52 48.68
C THR B 730 -2.35 14.84 48.30
N LEU B 731 -3.03 15.68 47.53
CA LEU B 731 -2.46 16.96 47.11
C LEU B 731 -2.76 18.04 48.14
N ALA B 732 -1.85 19.01 48.24
CA ALA B 732 -1.99 20.12 49.16
C ALA B 732 -1.35 21.35 48.56
N PHE B 733 -1.75 22.52 49.05
CA PHE B 733 -1.22 23.79 48.56
C PHE B 733 0.22 24.00 48.99
N ASP B 734 1.06 24.39 48.03
CA ASP B 734 2.47 24.65 48.27
C ASP B 734 2.70 26.15 48.05
N PRO B 735 3.18 26.89 49.06
CA PRO B 735 3.36 28.34 48.86
C PRO B 735 4.56 28.72 48.00
N LYS B 736 5.66 27.96 48.02
CA LYS B 736 6.82 28.32 47.22
C LYS B 736 6.65 27.91 45.77
N LYS B 737 5.72 27.00 45.49
CA LYS B 737 5.51 26.56 44.12
C LYS B 737 4.44 27.40 43.42
N GLY B 738 3.42 27.84 44.16
CA GLY B 738 2.35 28.63 43.59
C GLY B 738 1.21 27.79 43.05
N PHE B 739 1.33 26.47 43.09
CA PHE B 739 0.32 25.53 42.62
C PHE B 739 0.18 24.48 43.70
N TRP B 740 -0.92 23.72 43.68
CA TRP B 740 -1.08 22.67 44.68
C TRP B 740 -0.22 21.47 44.30
N CYS B 741 0.62 21.02 45.23
CA CYS B 741 1.48 19.88 44.99
C CYS B 741 1.79 19.16 46.31
N CYS B 751 8.55 18.53 44.88
CA CYS B 751 7.39 17.83 44.33
C CYS B 751 7.38 17.89 42.81
N LEU B 752 7.61 19.08 42.27
CA LEU B 752 7.64 19.28 40.82
C LEU B 752 8.86 20.14 40.49
N GLY B 753 9.39 19.93 39.29
CA GLY B 753 10.58 20.61 38.78
C GLY B 753 10.57 22.13 38.69
N LYS B 754 11.77 22.70 38.61
CA LYS B 754 11.94 24.15 38.52
C LYS B 754 11.53 24.69 37.16
N SER B 755 11.61 23.85 36.11
CA SER B 755 11.26 24.27 34.76
C SER B 755 9.77 24.52 34.55
N LYS B 756 8.92 24.05 35.45
CA LYS B 756 7.48 24.24 35.31
C LYS B 756 6.94 25.29 36.27
N GLY B 757 7.81 25.98 37.01
CA GLY B 757 7.40 27.01 37.95
C GLY B 757 8.30 28.22 37.92
N ARG B 758 8.73 28.61 36.72
CA ARG B 758 9.63 29.76 36.55
C ARG B 758 8.93 31.08 36.84
N LYS B 759 9.63 31.97 37.53
CA LYS B 759 9.15 33.28 37.90
C LYS B 759 9.65 34.30 36.88
N TYR B 760 8.73 35.15 36.41
CA TYR B 760 9.11 36.14 35.41
C TYR B 760 8.22 37.37 35.58
N PRO B 761 8.68 38.55 35.17
CA PRO B 761 7.84 39.74 35.26
C PRO B 761 6.80 39.77 34.14
N GLU B 762 5.95 40.80 34.19
CA GLU B 762 4.89 40.94 33.20
C GLU B 762 5.39 41.50 31.88
N MET B 763 4.44 41.67 30.96
CA MET B 763 4.71 42.15 29.61
C MET B 763 4.65 43.68 29.54
N ASP B 764 4.57 44.16 28.30
CA ASP B 764 4.41 45.57 28.01
C ASP B 764 2.95 45.76 27.60
N LEU B 765 2.41 46.98 27.83
CA LEU B 765 1.01 47.25 27.50
C LEU B 765 0.76 47.23 25.99
N ASP B 766 1.70 47.75 25.21
CA ASP B 766 1.57 47.75 23.75
C ASP B 766 1.73 46.33 23.21
N SER B 767 2.59 45.54 23.87
CA SER B 767 2.79 44.14 23.49
C SER B 767 1.56 43.32 23.80
N ARG B 768 0.91 43.60 24.94
CA ARG B 768 -0.33 42.92 25.31
C ARG B 768 -1.47 43.30 24.38
N ALA B 769 -1.50 44.57 23.94
CA ALA B 769 -2.54 45.03 23.03
C ALA B 769 -2.39 44.40 21.65
N PHE B 770 -1.15 44.31 21.15
CA PHE B 770 -0.95 43.69 19.84
C PHE B 770 -1.08 42.17 19.93
N LEU B 771 -0.81 41.60 21.11
CA LEU B 771 -0.97 40.16 21.28
C LEU B 771 -2.44 39.80 21.40
N LYS B 772 -3.25 40.70 21.96
CA LYS B 772 -4.69 40.45 22.05
C LYS B 772 -5.32 40.62 20.67
N ASP B 773 -4.81 41.56 19.87
CA ASP B 773 -5.37 41.74 18.53
C ASP B 773 -4.88 40.65 17.58
N TYR B 774 -3.68 40.11 17.82
CA TYR B 774 -3.15 39.04 16.99
C TYR B 774 -3.85 37.73 17.31
N TYR B 775 -4.05 37.44 18.59
CA TYR B 775 -4.71 36.22 19.02
C TYR B 775 -6.21 36.38 19.17
N ARG B 776 -6.83 37.39 18.54
CA ARG B 776 -8.27 37.59 18.66
C ARG B 776 -9.06 36.48 17.96
N ASP B 777 -8.86 36.35 16.64
CA ASP B 777 -9.56 35.38 15.77
C ASP B 777 -9.36 33.95 16.26
N HIS B 778 -8.18 33.66 16.81
CA HIS B 778 -7.89 32.36 17.40
C HIS B 778 -8.68 32.15 18.69
N ASN B 779 -8.90 33.22 19.47
CA ASN B 779 -9.66 33.08 20.72
C ASN B 779 -11.16 32.90 20.47
N ILE B 780 -11.76 33.67 19.54
CA ILE B 780 -13.18 33.48 19.24
C ILE B 780 -13.40 32.15 18.49
N GLU B 781 -12.43 31.76 17.64
CA GLU B 781 -12.52 30.46 16.95
C GLU B 781 -12.35 29.31 17.96
N LEU B 782 -11.50 29.51 18.96
CA LEU B 782 -11.30 28.52 20.01
C LEU B 782 -12.51 28.45 20.93
N SER B 783 -13.20 29.59 21.11
CA SER B 783 -14.39 29.66 21.95
C SER B 783 -15.54 28.86 21.35
N LYS B 784 -15.82 29.07 20.05
CA LYS B 784 -16.87 28.28 19.42
C LYS B 784 -16.40 26.85 19.13
N LEU B 785 -15.08 26.62 19.07
CA LEU B 785 -14.56 25.28 18.85
C LEU B 785 -14.66 24.45 20.13
N LEU B 786 -14.35 25.04 21.28
CA LEU B 786 -14.45 24.30 22.54
C LEU B 786 -15.91 24.17 22.97
N TYR B 787 -16.75 25.13 22.60
CA TYR B 787 -18.16 25.03 22.93
C TYR B 787 -18.84 24.03 21.99
N LYS B 788 -18.28 23.89 20.78
CA LYS B 788 -18.79 22.96 19.78
C LYS B 788 -18.57 21.51 20.21
N MET B 789 -17.45 21.25 20.88
CA MET B 789 -17.16 19.89 21.36
C MET B 789 -17.94 19.53 22.60
N GLY B 790 -18.57 20.49 23.27
CA GLY B 790 -19.33 20.22 24.48
C GLY B 790 -18.50 19.83 25.67
N GLN B 791 -17.35 20.47 25.85
CA GLN B 791 -16.47 20.16 26.96
C GLN B 791 -16.33 21.37 27.88
N THR B 792 -15.36 21.31 28.79
CA THR B 792 -15.15 22.38 29.78
C THR B 792 -14.69 23.69 29.15
N LEU B 793 -15.51 24.73 29.33
CA LEU B 793 -15.19 26.06 28.84
C LEU B 793 -14.16 26.67 29.78
N PRO B 794 -13.08 27.24 29.26
CA PRO B 794 -12.04 27.79 30.14
C PRO B 794 -12.39 29.10 30.82
N THR B 795 -11.78 29.33 31.98
CA THR B 795 -11.97 30.57 32.72
C THR B 795 -11.16 31.70 32.10
N TRP B 796 -9.96 31.37 31.58
CA TRP B 796 -9.14 32.37 30.89
C TRP B 796 -9.78 32.79 29.57
N LEU B 797 -10.49 31.87 28.91
CA LEU B 797 -11.21 32.19 27.67
C LEU B 797 -12.39 33.11 27.99
N ARG B 798 -13.01 32.91 29.15
CA ARG B 798 -14.11 33.76 29.58
C ARG B 798 -13.59 35.11 30.04
N GLU B 799 -12.35 35.17 30.53
CA GLU B 799 -11.78 36.42 30.99
C GLU B 799 -11.30 37.28 29.82
N ASP B 800 -10.62 36.66 28.86
CA ASP B 800 -10.14 37.41 27.70
C ASP B 800 -11.23 37.59 26.64
N LEU B 801 -12.33 36.84 26.77
CA LEU B 801 -13.41 36.97 25.80
C LEU B 801 -14.32 38.15 26.14
N GLN B 802 -14.38 38.53 27.42
CA GLN B 802 -15.23 39.65 27.82
C GLN B 802 -14.62 40.99 27.42
N ASN B 803 -13.31 41.03 27.18
CA ASN B 803 -12.67 42.27 26.76
C ASN B 803 -13.02 42.58 25.31
N THR B 804 -13.19 41.54 24.50
CA THR B 804 -13.56 41.74 23.10
C THR B 804 -15.07 41.79 22.94
N ARG B 805 -15.77 40.80 23.48
CA ARG B 805 -17.23 40.75 23.41
C ARG B 805 -17.83 40.67 24.81
#